data_3WLM
#
_entry.id   3WLM
#
_cell.length_a   101.019
_cell.length_b   101.019
_cell.length_c   180.798
_cell.angle_alpha   90.00
_cell.angle_beta   90.00
_cell.angle_gamma   90.00
#
_symmetry.space_group_name_H-M   'P 43 21 2'
#
loop_
_entity.id
_entity.type
_entity.pdbx_description
1 polymer 'Beta-D-glucan exohydrolase isoenzyme ExoI'
2 branched beta-D-mannopyranose-(1-4)-2-acetamido-2-deoxy-beta-D-glucopyranose-(1-4)-2-acetamido-2-deoxy-beta-D-glucopyranose
3 branched beta-D-mannopyranose-(1-4)-2-acetamido-2-deoxy-beta-D-glucopyranose-(1-4)-[alpha-L-fucopyranose-(1-3)]2-acetamido-2-deoxy-beta-D-glucopyranose
4 non-polymer 2-acetamido-2-deoxy-beta-D-glucopyranose
5 non-polymer 'octyl beta-D-glucopyranoside'
6 water water
#
_entity_poly.entity_id   1
_entity_poly.type   'polypeptide(L)'
_entity_poly.pdbx_seq_one_letter_code
;DYVLYKDATKPVEDRVADLLGRMTLAEKIGQMTQIERLVATPDVLRDNFIGSLLSGGGSVPRKGATAKEWQDMVDGFQKA
CMSTRLGIPMIYGIDAVHGQNNVYGATIFPHNVGLGATRDPYLVKRIGEATALEVRATGIQYAFAPCIAVCRDPRWGRCY
ESYSEDRRIVQSMTELIPGLQGDVPKDFTSGMPFVAGKNKVAACAKHFVGDGGTVDGINENNTIINREGLMNIHMPAYKN
AMDKGVSTVMISYSSWNGVKMHANQDLVTGYLKDTLKFKGFVISDWEGIDRITTPAGSDYSYSVKASILAGLDMIMVPNK
YQQFISILTGHVNGGVIPMSRIDDAVTRILRVKFTMGLFENPYADPAMAEQLGKQEHRDLAREAARKSLVLLKNGKTSTD
APLLPLPKKAPKILVAGSHADNLGYQCGGWTIEWQGDTGRTTVGTTILEAVKAAVDPSTVVVFAENPDAEFVKSGGFSYA
IVAVGEHPYTETKGDNLNLTIPEPGLSTVQAVCGGVRCATVLISGRPVVVQPLLAASDALVAAWLPGSEGQGVTDALFGD
FGFTGRLPRTWFKSVDQLPMNVGDAHYDPLFRLGYGLTTNATKKY
;
_entity_poly.pdbx_strand_id   A
#
loop_
_chem_comp.id
_chem_comp.type
_chem_comp.name
_chem_comp.formula
BMA D-saccharide, beta linking beta-D-mannopyranose 'C6 H12 O6'
BOG D-saccharide 'octyl beta-D-glucopyranoside' 'C14 H28 O6'
FUC L-saccharide, alpha linking alpha-L-fucopyranose 'C6 H12 O5'
NAG D-saccharide, beta linking 2-acetamido-2-deoxy-beta-D-glucopyranose 'C8 H15 N O6'
#
# COMPACT_ATOMS: atom_id res chain seq x y z
N ASP A 1 -24.19 -34.47 18.81
CA ASP A 1 -22.81 -35.01 18.71
C ASP A 1 -21.79 -33.88 18.87
N TYR A 2 -20.62 -34.22 19.39
CA TYR A 2 -19.49 -33.29 19.51
C TYR A 2 -19.02 -32.85 18.12
N VAL A 3 -18.81 -31.55 17.95
CA VAL A 3 -18.36 -31.00 16.66
C VAL A 3 -16.95 -30.42 16.79
N LEU A 4 -15.97 -31.20 16.33
CA LEU A 4 -14.55 -30.88 16.50
C LEU A 4 -14.16 -29.48 15.99
N TYR A 5 -14.66 -29.08 14.84
CA TYR A 5 -14.21 -27.80 14.27
C TYR A 5 -14.62 -26.60 15.12
N LYS A 6 -15.69 -26.77 15.90
CA LYS A 6 -16.17 -25.72 16.79
C LYS A 6 -15.41 -25.67 18.12
N ASP A 7 -14.46 -26.59 18.31
CA ASP A 7 -13.69 -26.69 19.55
C ASP A 7 -12.39 -25.88 19.46
N ALA A 8 -12.36 -24.76 20.19
CA ALA A 8 -11.23 -23.83 20.17
C ALA A 8 -9.93 -24.43 20.71
N THR A 9 -10.03 -25.54 21.43
CA THR A 9 -8.86 -26.16 22.05
C THR A 9 -8.16 -27.15 21.11
N LYS A 10 -8.77 -27.40 19.95
CA LYS A 10 -8.22 -28.35 19.00
C LYS A 10 -7.22 -27.70 18.04
N PRO A 11 -6.21 -28.48 17.58
CA PRO A 11 -5.25 -27.95 16.60
C PRO A 11 -5.96 -27.50 15.33
N VAL A 12 -5.43 -26.45 14.70
CA VAL A 12 -5.97 -25.90 13.46
C VAL A 12 -6.22 -26.96 12.38
N GLU A 13 -5.22 -27.80 12.14
CA GLU A 13 -5.30 -28.80 11.07
C GLU A 13 -6.45 -29.80 11.27
N ASP A 14 -6.70 -30.19 12.52
CA ASP A 14 -7.84 -31.04 12.85
C ASP A 14 -9.17 -30.32 12.65
N ARG A 15 -9.21 -29.06 13.05
CA ARG A 15 -10.40 -28.24 12.88
C ARG A 15 -10.72 -28.03 11.41
N VAL A 16 -9.69 -27.74 10.61
CA VAL A 16 -9.84 -27.61 9.15
C VAL A 16 -10.42 -28.87 8.54
N ALA A 17 -9.81 -30.02 8.87
CA ALA A 17 -10.20 -31.29 8.27
C ALA A 17 -11.61 -31.71 8.69
N ASP A 18 -11.94 -31.45 9.95
CA ASP A 18 -13.28 -31.76 10.46
C ASP A 18 -14.36 -30.95 9.77
N LEU A 19 -14.11 -29.66 9.55
CA LEU A 19 -15.08 -28.79 8.87
C LEU A 19 -15.19 -29.15 7.39
N LEU A 20 -14.04 -29.32 6.74
CA LEU A 20 -14.01 -29.60 5.31
C LEU A 20 -14.87 -30.82 4.97
N GLY A 21 -14.74 -31.88 5.78
CA GLY A 21 -15.45 -33.13 5.55
C GLY A 21 -16.96 -33.01 5.67
N ARG A 22 -17.43 -31.90 6.25
CA ARG A 22 -18.87 -31.67 6.43
C ARG A 22 -19.49 -30.84 5.30
N MET A 23 -18.65 -30.23 4.46
CA MET A 23 -19.11 -29.19 3.54
C MET A 23 -19.65 -29.69 2.20
N THR A 24 -20.75 -29.08 1.76
CA THR A 24 -21.31 -29.36 0.44
C THR A 24 -20.47 -28.60 -0.58
N LEU A 25 -20.66 -28.92 -1.86
CA LEU A 25 -19.97 -28.22 -2.94
C LEU A 25 -20.28 -26.73 -2.88
N ALA A 26 -21.56 -26.39 -2.66
CA ALA A 26 -21.96 -24.97 -2.59
C ALA A 26 -21.24 -24.23 -1.45
N GLU A 27 -21.10 -24.91 -0.31
CA GLU A 27 -20.41 -24.35 0.85
C GLU A 27 -18.91 -24.19 0.56
N LYS A 28 -18.32 -25.16 -0.15
CA LYS A 28 -16.92 -25.08 -0.56
C LYS A 28 -16.64 -23.93 -1.53
N ILE A 29 -17.45 -23.86 -2.59
CA ILE A 29 -17.26 -22.80 -3.59
C ILE A 29 -17.56 -21.41 -2.98
N GLY A 30 -18.52 -21.38 -2.05
CA GLY A 30 -18.83 -20.17 -1.30
C GLY A 30 -17.61 -19.62 -0.58
N GLN A 31 -16.86 -20.48 0.12
CA GLN A 31 -15.61 -20.08 0.79
C GLN A 31 -14.60 -19.40 -0.14
N MET A 32 -14.54 -19.90 -1.37
CA MET A 32 -13.60 -19.44 -2.40
C MET A 32 -14.02 -18.11 -3.05
N THR A 33 -15.19 -17.60 -2.65
CA THR A 33 -15.79 -16.41 -3.25
C THR A 33 -15.68 -15.16 -2.37
N GLN A 34 -15.00 -14.14 -2.87
CA GLN A 34 -14.95 -12.83 -2.22
C GLN A 34 -15.78 -11.82 -3.00
N ILE A 35 -16.68 -11.14 -2.30
CA ILE A 35 -17.57 -10.16 -2.94
C ILE A 35 -17.43 -8.76 -2.36
N GLU A 36 -17.71 -7.76 -3.18
CA GLU A 36 -17.66 -6.37 -2.74
C GLU A 36 -18.84 -6.11 -1.84
N ARG A 37 -18.64 -5.29 -0.79
CA ARG A 37 -19.77 -4.91 0.08
C ARG A 37 -20.95 -4.34 -0.71
N LEU A 38 -20.66 -3.67 -1.83
CA LEU A 38 -21.73 -3.03 -2.62
C LEU A 38 -22.73 -4.01 -3.23
N VAL A 39 -22.35 -5.27 -3.36
CA VAL A 39 -23.30 -6.30 -3.85
C VAL A 39 -23.76 -7.27 -2.76
N ALA A 40 -23.29 -7.06 -1.53
CA ALA A 40 -23.58 -7.95 -0.40
C ALA A 40 -24.88 -7.58 0.28
N THR A 41 -25.59 -8.63 0.69
CA THR A 41 -26.90 -8.55 1.29
C THR A 41 -26.88 -9.71 2.28
N PRO A 42 -27.63 -9.61 3.40
CA PRO A 42 -27.71 -10.79 4.29
C PRO A 42 -28.10 -12.09 3.57
N ASP A 43 -29.13 -12.03 2.73
CA ASP A 43 -29.57 -13.21 1.95
C ASP A 43 -28.48 -13.73 1.00
N VAL A 44 -27.83 -12.80 0.29
CA VAL A 44 -26.75 -13.17 -0.62
C VAL A 44 -25.65 -13.92 0.11
N LEU A 45 -25.23 -13.37 1.25
CA LEU A 45 -24.15 -13.94 2.05
C LEU A 45 -24.52 -15.32 2.61
N ARG A 46 -25.73 -15.42 3.11
CA ARG A 46 -26.25 -16.67 3.66
C ARG A 46 -26.47 -17.69 2.54
N ASP A 47 -27.23 -17.31 1.52
CA ASP A 47 -27.67 -18.25 0.48
C ASP A 47 -26.51 -18.81 -0.33
N ASN A 48 -25.45 -18.02 -0.48
CA ASN A 48 -24.30 -18.42 -1.28
C ASN A 48 -23.09 -18.83 -0.43
N PHE A 49 -23.29 -18.92 0.89
CA PHE A 49 -22.25 -19.37 1.82
C PHE A 49 -20.94 -18.59 1.58
N ILE A 50 -21.06 -17.27 1.41
CA ILE A 50 -19.93 -16.44 0.98
C ILE A 50 -18.78 -16.46 1.99
N GLY A 51 -17.56 -16.65 1.51
CA GLY A 51 -16.39 -16.77 2.38
C GLY A 51 -15.69 -15.47 2.78
N SER A 52 -15.86 -14.42 1.98
CA SER A 52 -15.13 -13.16 2.23
C SER A 52 -15.82 -11.97 1.59
N LEU A 53 -15.59 -10.79 2.17
CA LEU A 53 -16.00 -9.54 1.56
C LEU A 53 -14.82 -8.61 1.48
N LEU A 54 -14.94 -7.59 0.63
CA LEU A 54 -13.98 -6.50 0.64
C LEU A 54 -14.64 -5.15 0.40
N SER A 55 -13.93 -4.12 0.83
CA SER A 55 -14.14 -2.75 0.37
C SER A 55 -13.05 -2.50 -0.67
N GLY A 56 -13.44 -2.24 -1.91
CA GLY A 56 -12.54 -1.67 -2.89
C GLY A 56 -12.17 -0.24 -2.50
N GLY A 57 -11.19 0.34 -3.18
CA GLY A 57 -10.85 1.75 -2.95
C GLY A 57 -12.09 2.66 -2.93
N GLY A 58 -12.25 3.39 -1.83
CA GLY A 58 -13.38 4.32 -1.64
C GLY A 58 -14.73 3.68 -1.38
N SER A 59 -14.76 2.37 -1.17
CA SER A 59 -16.02 1.68 -0.90
C SER A 59 -16.29 1.72 0.61
N VAL A 60 -17.05 2.72 1.01
CA VAL A 60 -17.21 3.05 2.43
C VAL A 60 -18.71 3.12 2.76
N PRO A 61 -19.09 2.86 4.02
CA PRO A 61 -20.51 2.99 4.41
C PRO A 61 -21.13 4.39 4.22
N ARG A 62 -20.34 5.44 4.47
CA ARG A 62 -20.75 6.84 4.34
C ARG A 62 -19.46 7.61 4.28
N LYS A 63 -19.48 8.75 3.58
CA LYS A 63 -18.44 9.77 3.76
C LYS A 63 -18.42 10.13 5.24
N GLY A 64 -17.23 10.15 5.82
CA GLY A 64 -17.04 10.55 7.21
C GLY A 64 -17.50 9.55 8.26
N ALA A 65 -17.70 8.30 7.86
CA ALA A 65 -18.21 7.28 8.80
C ALA A 65 -17.24 7.06 9.96
N THR A 66 -17.79 6.96 11.17
CA THR A 66 -16.99 6.67 12.37
C THR A 66 -16.51 5.21 12.36
N ALA A 67 -15.55 4.90 13.24
CA ALA A 67 -15.05 3.53 13.41
C ALA A 67 -16.21 2.59 13.76
N LYS A 68 -17.09 3.04 14.65
CA LYS A 68 -18.28 2.26 15.01
C LYS A 68 -19.22 1.95 13.84
N GLU A 69 -19.43 2.92 12.95
CA GLU A 69 -20.17 2.68 11.69
C GLU A 69 -19.57 1.55 10.87
N TRP A 70 -18.24 1.54 10.74
CA TRP A 70 -17.56 0.43 10.05
C TRP A 70 -17.77 -0.89 10.78
N GLN A 71 -17.54 -0.89 12.10
CA GLN A 71 -17.79 -2.09 12.91
C GLN A 71 -19.19 -2.65 12.71
N ASP A 72 -20.19 -1.76 12.74
CA ASP A 72 -21.60 -2.14 12.58
C ASP A 72 -21.85 -2.74 11.20
N MET A 73 -21.24 -2.15 10.18
CA MET A 73 -21.33 -2.69 8.83
C MET A 73 -20.75 -4.10 8.74
N VAL A 74 -19.50 -4.25 9.19
CA VAL A 74 -18.81 -5.53 9.11
C VAL A 74 -19.57 -6.61 9.93
N ASP A 75 -19.99 -6.27 11.14
CA ASP A 75 -20.74 -7.19 12.00
C ASP A 75 -22.08 -7.61 11.37
N GLY A 76 -22.75 -6.67 10.71
CA GLY A 76 -24.00 -6.96 10.01
C GLY A 76 -23.80 -8.04 8.95
N PHE A 77 -22.71 -7.93 8.19
CA PHE A 77 -22.31 -8.97 7.22
C PHE A 77 -21.94 -10.30 7.93
N GLN A 78 -21.19 -10.19 9.03
CA GLN A 78 -20.80 -11.37 9.80
C GLN A 78 -21.97 -12.15 10.40
N LYS A 79 -22.99 -11.44 10.88
CA LYS A 79 -24.18 -12.08 11.47
C LYS A 79 -24.85 -12.98 10.44
N ALA A 80 -24.90 -12.50 9.20
CA ALA A 80 -25.50 -13.25 8.11
C ALA A 80 -24.69 -14.52 7.81
N CYS A 81 -23.37 -14.38 7.72
CA CYS A 81 -22.50 -15.51 7.49
C CYS A 81 -22.56 -16.54 8.64
N MET A 82 -22.64 -16.03 9.88
CA MET A 82 -22.74 -16.88 11.05
C MET A 82 -24.09 -17.62 11.15
N SER A 83 -25.08 -17.17 10.38
CA SER A 83 -26.40 -17.79 10.39
C SER A 83 -26.52 -18.99 9.42
N THR A 84 -25.47 -19.25 8.64
CA THR A 84 -25.47 -20.43 7.77
C THR A 84 -25.42 -21.71 8.61
N ARG A 85 -25.67 -22.83 7.95
CA ARG A 85 -25.72 -24.15 8.57
C ARG A 85 -24.44 -24.46 9.33
N LEU A 86 -23.30 -24.10 8.74
CA LEU A 86 -22.00 -24.39 9.35
C LEU A 86 -21.42 -23.22 10.15
N GLY A 87 -22.00 -22.03 9.97
CA GLY A 87 -21.59 -20.83 10.71
C GLY A 87 -20.12 -20.48 10.50
N ILE A 88 -19.66 -20.52 9.25
CA ILE A 88 -18.26 -20.19 8.97
C ILE A 88 -18.19 -18.67 8.85
N PRO A 89 -17.40 -18.02 9.74
CA PRO A 89 -17.28 -16.56 9.66
C PRO A 89 -16.62 -16.11 8.36
N MET A 90 -17.09 -14.99 7.81
CA MET A 90 -16.40 -14.39 6.68
C MET A 90 -15.17 -13.61 7.18
N ILE A 91 -14.21 -13.42 6.27
CA ILE A 91 -13.09 -12.54 6.50
C ILE A 91 -13.26 -11.30 5.61
N TYR A 92 -13.10 -10.13 6.21
CA TYR A 92 -13.32 -8.88 5.48
C TYR A 92 -11.98 -8.26 5.16
N GLY A 93 -11.75 -8.00 3.88
CA GLY A 93 -10.47 -7.42 3.40
C GLY A 93 -10.57 -5.97 2.94
N ILE A 94 -9.45 -5.25 3.00
CA ILE A 94 -9.40 -3.86 2.58
C ILE A 94 -7.96 -3.45 2.26
N ASP A 95 -7.82 -2.48 1.37
CA ASP A 95 -6.51 -1.90 1.09
C ASP A 95 -6.12 -0.91 2.18
N ALA A 96 -5.54 -1.42 3.27
CA ALA A 96 -4.90 -0.58 4.27
C ALA A 96 -3.43 -0.66 3.93
N VAL A 97 -2.98 0.25 3.08
CA VAL A 97 -1.66 0.18 2.46
C VAL A 97 -0.71 1.31 2.91
N HIS A 98 -1.24 2.34 3.58
CA HIS A 98 -0.41 3.34 4.30
C HIS A 98 -1.26 3.89 5.44
N GLY A 99 -1.54 3.00 6.39
CA GLY A 99 -2.61 3.20 7.37
C GLY A 99 -3.91 2.61 6.83
N GLN A 100 -4.97 2.73 7.64
CA GLN A 100 -6.29 2.26 7.26
C GLN A 100 -6.95 3.33 6.36
N ASN A 101 -6.43 3.44 5.16
CA ASN A 101 -6.53 4.68 4.38
C ASN A 101 -7.86 5.03 3.72
N ASN A 102 -8.79 4.07 3.64
CA ASN A 102 -10.16 4.39 3.17
C ASN A 102 -10.99 5.14 4.21
N VAL A 103 -10.52 5.12 5.45
CA VAL A 103 -11.35 5.49 6.59
C VAL A 103 -11.07 6.92 7.00
N TYR A 104 -12.15 7.68 7.14
CA TYR A 104 -12.05 9.06 7.60
C TYR A 104 -11.44 9.09 9.01
N GLY A 105 -10.42 9.93 9.20
CA GLY A 105 -9.81 10.09 10.51
C GLY A 105 -8.74 9.05 10.85
N ALA A 106 -8.52 8.10 9.95
CA ALA A 106 -7.41 7.14 10.11
C ALA A 106 -6.07 7.83 9.89
N THR A 107 -5.07 7.43 10.68
CA THR A 107 -3.69 7.87 10.48
C THR A 107 -3.22 7.47 9.08
N ILE A 108 -2.69 8.44 8.33
CA ILE A 108 -2.17 8.16 6.99
C ILE A 108 -0.64 8.23 7.04
N PHE A 109 -0.01 7.07 6.85
CA PHE A 109 1.44 6.94 6.88
C PHE A 109 2.04 7.27 5.52
N PRO A 110 3.35 7.57 5.47
CA PRO A 110 4.00 7.77 4.18
C PRO A 110 3.82 6.53 3.30
N HIS A 111 3.67 6.75 2.00
CA HIS A 111 3.66 5.62 1.07
C HIS A 111 5.00 4.90 1.07
N ASN A 112 4.99 3.68 0.52
CA ASN A 112 6.13 2.78 0.57
C ASN A 112 7.45 3.31 0.03
N VAL A 113 7.41 4.10 -1.05
CA VAL A 113 8.68 4.66 -1.58
C VAL A 113 9.40 5.46 -0.48
N GLY A 114 8.65 6.33 0.20
CA GLY A 114 9.17 7.09 1.33
C GLY A 114 9.70 6.23 2.45
N LEU A 115 8.95 5.18 2.79
CA LEU A 115 9.38 4.20 3.80
C LEU A 115 10.71 3.51 3.40
N GLY A 116 10.86 3.18 2.13
CA GLY A 116 12.15 2.70 1.60
C GLY A 116 13.29 3.67 1.89
N ALA A 117 13.01 4.97 1.77
CA ALA A 117 14.03 5.99 2.04
C ALA A 117 14.54 5.99 3.48
N THR A 118 13.72 5.50 4.41
CA THR A 118 14.09 5.50 5.83
C THR A 118 15.16 4.46 6.14
N ARG A 119 15.26 3.42 5.31
CA ARG A 119 16.13 2.26 5.60
C ARG A 119 15.93 1.73 7.02
N ASP A 120 14.71 1.82 7.53
CA ASP A 120 14.42 1.52 8.92
C ASP A 120 13.30 0.47 8.99
N PRO A 121 13.65 -0.82 8.87
CA PRO A 121 12.70 -1.93 8.92
C PRO A 121 11.86 -1.99 10.21
N TYR A 122 12.44 -1.58 11.34
CA TYR A 122 11.75 -1.59 12.62
C TYR A 122 10.67 -0.51 12.68
N LEU A 123 10.96 0.66 12.14
CA LEU A 123 9.95 1.70 11.92
C LEU A 123 8.76 1.14 11.13
N VAL A 124 9.06 0.42 10.04
CA VAL A 124 8.01 -0.18 9.20
C VAL A 124 7.22 -1.24 9.99
N LYS A 125 7.90 -2.06 10.79
CA LYS A 125 7.21 -3.02 11.66
C LYS A 125 6.21 -2.29 12.56
N ARG A 126 6.67 -1.21 13.21
CA ARG A 126 5.80 -0.40 14.09
C ARG A 126 4.60 0.17 13.35
N ILE A 127 4.83 0.59 12.10
CA ILE A 127 3.75 1.06 11.22
C ILE A 127 2.72 -0.04 10.96
N GLY A 128 3.20 -1.26 10.69
CA GLY A 128 2.36 -2.45 10.58
C GLY A 128 1.55 -2.70 11.84
N GLU A 129 2.19 -2.53 13.00
CA GLU A 129 1.52 -2.71 14.29
C GLU A 129 0.37 -1.71 14.49
N ALA A 130 0.66 -0.42 14.26
CA ALA A 130 -0.32 0.65 14.36
C ALA A 130 -1.45 0.51 13.32
N THR A 131 -1.08 0.13 12.10
CA THR A 131 -2.05 -0.12 11.02
C THR A 131 -3.04 -1.24 11.37
N ALA A 132 -2.53 -2.35 11.90
CA ALA A 132 -3.41 -3.45 12.35
C ALA A 132 -4.45 -2.99 13.37
N LEU A 133 -4.03 -2.11 14.29
CA LEU A 133 -4.92 -1.61 15.34
C LEU A 133 -6.03 -0.73 14.75
N GLU A 134 -5.67 0.10 13.77
CA GLU A 134 -6.65 1.02 13.16
C GLU A 134 -7.58 0.27 12.19
N VAL A 135 -7.07 -0.78 11.57
CA VAL A 135 -7.93 -1.70 10.79
C VAL A 135 -8.92 -2.44 11.72
N ARG A 136 -8.42 -2.98 12.82
CA ARG A 136 -9.32 -3.64 13.80
C ARG A 136 -10.27 -2.66 14.49
N ALA A 137 -9.89 -1.39 14.53
CA ALA A 137 -10.78 -0.33 15.04
C ALA A 137 -12.07 -0.26 14.24
N THR A 138 -11.98 -0.67 12.96
CA THR A 138 -13.10 -0.61 12.03
C THR A 138 -13.76 -1.97 11.83
N GLY A 139 -13.36 -2.96 12.64
CA GLY A 139 -13.94 -4.29 12.54
C GLY A 139 -13.39 -5.17 11.43
N ILE A 140 -12.34 -4.71 10.75
CA ILE A 140 -11.82 -5.41 9.59
C ILE A 140 -10.62 -6.28 10.00
N GLN A 141 -10.53 -7.49 9.43
CA GLN A 141 -9.56 -8.50 9.92
C GLN A 141 -8.42 -8.82 8.96
N TYR A 142 -8.35 -8.12 7.82
CA TYR A 142 -7.53 -8.50 6.66
C TYR A 142 -7.10 -7.27 5.86
N ALA A 143 -5.80 -7.02 5.79
CA ALA A 143 -5.26 -5.93 4.97
C ALA A 143 -4.52 -6.45 3.73
N PHE A 144 -4.83 -5.88 2.57
CA PHE A 144 -4.13 -6.21 1.32
C PHE A 144 -2.75 -5.55 1.24
N ALA A 145 -1.84 -5.95 2.11
CA ALA A 145 -0.51 -5.34 2.22
C ALA A 145 0.44 -6.31 2.94
N PRO A 146 1.77 -6.21 2.67
CA PRO A 146 2.48 -5.21 1.83
C PRO A 146 2.55 -5.51 0.34
N CYS A 147 2.53 -4.45 -0.46
CA CYS A 147 2.99 -4.55 -1.84
C CYS A 147 4.51 -4.70 -1.78
N ILE A 148 4.99 -5.87 -2.17
CA ILE A 148 6.43 -6.12 -2.24
C ILE A 148 6.94 -6.12 -3.68
N ALA A 149 6.27 -5.34 -4.52
CA ALA A 149 6.78 -5.08 -5.87
C ALA A 149 8.15 -4.42 -5.81
N VAL A 150 8.98 -4.75 -6.79
CA VAL A 150 10.28 -4.11 -6.96
C VAL A 150 10.16 -3.29 -8.24
N CYS A 151 9.80 -2.02 -8.10
CA CYS A 151 9.58 -1.13 -9.25
C CYS A 151 10.90 -0.85 -9.97
N ARG A 152 10.97 -1.29 -11.22
CA ARG A 152 12.20 -1.17 -12.02
C ARG A 152 12.08 -0.05 -13.06
N ASP A 153 10.97 0.68 -13.02
CA ASP A 153 10.71 1.77 -13.96
C ASP A 153 9.70 2.75 -13.34
N PRO A 154 10.14 3.98 -12.98
CA PRO A 154 9.24 4.91 -12.27
C PRO A 154 8.09 5.46 -13.12
N ARG A 155 8.07 5.14 -14.42
CA ARG A 155 6.90 5.48 -15.25
C ARG A 155 5.65 4.68 -14.86
N TRP A 156 5.84 3.64 -14.04
CA TRP A 156 4.76 2.83 -13.47
C TRP A 156 3.93 3.64 -12.48
N GLY A 157 2.62 3.66 -12.68
CA GLY A 157 1.72 4.37 -11.76
C GLY A 157 1.65 3.82 -10.33
N ARG A 158 2.29 2.67 -10.11
CA ARG A 158 2.32 2.10 -8.75
C ARG A 158 3.72 2.13 -8.15
N CYS A 159 4.64 2.86 -8.79
CA CYS A 159 6.00 2.93 -8.28
C CYS A 159 6.04 3.39 -6.80
N TYR A 160 5.15 4.30 -6.39
CA TYR A 160 5.10 4.71 -4.99
C TYR A 160 4.76 3.58 -4.00
N GLU A 161 4.13 2.53 -4.50
CA GLU A 161 3.78 1.35 -3.67
C GLU A 161 4.90 0.34 -3.52
N SER A 162 6.04 0.64 -4.15
CA SER A 162 7.24 -0.17 -4.01
C SER A 162 8.22 0.52 -3.07
N TYR A 163 8.76 -0.21 -2.09
CA TYR A 163 9.77 0.37 -1.21
C TYR A 163 11.04 0.79 -1.94
N SER A 164 11.38 0.11 -3.04
CA SER A 164 12.65 0.35 -3.73
C SER A 164 12.78 -0.35 -5.07
N GLU A 165 13.71 0.12 -5.91
CA GLU A 165 14.13 -0.63 -7.09
C GLU A 165 15.10 -1.74 -6.68
N ASP A 166 15.61 -1.65 -5.45
CA ASP A 166 16.58 -2.61 -4.91
C ASP A 166 15.83 -3.65 -4.08
N ARG A 167 15.82 -4.90 -4.57
CA ARG A 167 15.13 -5.99 -3.87
C ARG A 167 15.58 -6.21 -2.42
N ARG A 168 16.84 -5.88 -2.12
CA ARG A 168 17.34 -6.00 -0.73
C ARG A 168 16.59 -5.09 0.24
N ILE A 169 16.28 -3.87 -0.20
CA ILE A 169 15.48 -2.95 0.60
C ILE A 169 14.02 -3.46 0.72
N VAL A 170 13.45 -3.92 -0.39
CA VAL A 170 12.10 -4.51 -0.35
C VAL A 170 12.07 -5.70 0.63
N GLN A 171 13.08 -6.57 0.54
CA GLN A 171 13.22 -7.70 1.47
C GLN A 171 13.21 -7.24 2.93
N SER A 172 14.02 -6.23 3.24
CA SER A 172 14.12 -5.72 4.61
C SER A 172 12.79 -5.18 5.14
N MET A 173 11.99 -4.61 4.24
CA MET A 173 10.71 -3.99 4.61
C MET A 173 9.54 -4.98 4.76
N THR A 174 9.80 -6.25 4.47
CA THR A 174 8.82 -7.31 4.75
C THR A 174 8.49 -7.41 6.25
N GLU A 175 9.20 -6.62 7.07
CA GLU A 175 8.94 -6.47 8.50
C GLU A 175 7.56 -5.87 8.78
N LEU A 176 6.96 -5.25 7.78
CA LEU A 176 5.54 -4.84 7.86
C LEU A 176 4.65 -6.03 8.25
N ILE A 177 4.97 -7.20 7.70
CA ILE A 177 4.20 -8.44 7.94
C ILE A 177 4.05 -8.83 9.43
N PRO A 178 5.16 -9.09 10.16
CA PRO A 178 5.00 -9.37 11.59
C PRO A 178 4.44 -8.18 12.40
N GLY A 179 4.53 -6.96 11.86
CA GLY A 179 3.81 -5.81 12.42
C GLY A 179 2.29 -5.99 12.34
N LEU A 180 1.78 -6.15 11.13
CA LEU A 180 0.36 -6.42 10.91
C LEU A 180 -0.17 -7.66 11.63
N GLN A 181 0.59 -8.75 11.57
CA GLN A 181 0.11 -10.08 11.99
C GLN A 181 0.54 -10.50 13.38
N GLY A 182 1.61 -9.89 13.86
CA GLY A 182 2.30 -10.34 15.06
C GLY A 182 3.50 -11.20 14.68
N ASP A 183 4.48 -11.29 15.57
CA ASP A 183 5.68 -12.10 15.36
C ASP A 183 5.34 -13.59 15.39
N VAL A 184 5.99 -14.36 14.53
CA VAL A 184 5.78 -15.81 14.47
C VAL A 184 6.47 -16.48 15.66
N PRO A 185 5.95 -17.62 16.13
CA PRO A 185 6.61 -18.41 17.18
C PRO A 185 8.03 -18.80 16.80
N LYS A 186 8.85 -19.13 17.80
CA LYS A 186 10.24 -19.52 17.60
C LYS A 186 10.32 -20.83 16.79
N ASP A 187 9.35 -21.69 17.03
CA ASP A 187 9.20 -22.98 16.35
C ASP A 187 8.64 -22.91 14.91
N PHE A 188 8.52 -21.71 14.34
CA PHE A 188 7.71 -21.52 13.13
C PHE A 188 8.23 -22.18 11.84
N THR A 189 7.32 -22.74 11.06
CA THR A 189 7.64 -23.32 9.75
C THR A 189 7.39 -22.33 8.62
N SER A 190 8.45 -21.99 7.87
CA SER A 190 8.33 -21.06 6.73
C SER A 190 7.23 -21.49 5.76
N GLY A 191 6.33 -20.56 5.43
CA GLY A 191 5.25 -20.83 4.49
C GLY A 191 3.89 -21.04 5.15
N MET A 192 3.89 -21.29 6.45
CA MET A 192 2.65 -21.42 7.19
C MET A 192 2.07 -20.02 7.43
N PRO A 193 0.73 -19.89 7.42
CA PRO A 193 0.10 -18.61 7.71
C PRO A 193 0.13 -18.37 9.21
N PHE A 194 0.12 -17.10 9.62
CA PHE A 194 0.11 -16.73 11.04
C PHE A 194 -0.56 -15.38 11.28
N VAL A 195 -1.46 -15.34 12.24
CA VAL A 195 -1.97 -14.08 12.83
C VAL A 195 -2.09 -14.33 14.33
N ALA A 196 -1.65 -13.38 15.15
CA ALA A 196 -1.53 -13.60 16.60
C ALA A 196 -2.87 -13.70 17.33
N GLY A 197 -3.88 -13.02 16.80
CA GLY A 197 -5.17 -12.96 17.45
C GLY A 197 -5.93 -11.72 17.02
N LYS A 198 -6.90 -11.34 17.86
CA LYS A 198 -7.93 -10.40 17.47
C LYS A 198 -7.50 -8.94 17.36
N ASN A 199 -6.33 -8.61 17.91
CA ASN A 199 -5.78 -7.26 17.74
C ASN A 199 -4.81 -7.15 16.56
N LYS A 200 -4.73 -8.22 15.78
CA LYS A 200 -3.88 -8.28 14.58
C LYS A 200 -4.72 -8.61 13.34
N VAL A 201 -4.13 -8.42 12.15
CA VAL A 201 -4.80 -8.74 10.89
C VAL A 201 -3.98 -9.70 10.05
N ALA A 202 -4.66 -10.48 9.23
CA ALA A 202 -4.02 -11.21 8.15
C ALA A 202 -3.40 -10.20 7.17
N ALA A 203 -2.21 -10.51 6.69
CA ALA A 203 -1.52 -9.66 5.72
C ALA A 203 -1.59 -10.34 4.34
N CYS A 204 -1.06 -9.68 3.32
CA CYS A 204 -1.13 -10.13 1.95
C CYS A 204 0.09 -9.65 1.16
N ALA A 205 1.01 -10.55 0.82
CA ALA A 205 2.16 -10.18 -0.02
C ALA A 205 1.67 -10.08 -1.47
N LYS A 206 1.84 -8.91 -2.08
CA LYS A 206 1.32 -8.67 -3.43
C LYS A 206 2.30 -7.86 -4.30
N HIS A 207 2.21 -7.96 -5.62
CA HIS A 207 1.28 -8.85 -6.35
C HIS A 207 2.17 -9.84 -7.08
N PHE A 208 1.91 -11.12 -6.86
CA PHE A 208 2.79 -12.22 -7.31
C PHE A 208 2.64 -12.52 -8.81
N VAL A 209 3.71 -12.42 -9.61
CA VAL A 209 5.04 -11.91 -9.24
C VAL A 209 5.58 -11.06 -10.42
N GLY A 210 6.46 -10.11 -10.13
CA GLY A 210 7.09 -9.30 -11.19
C GLY A 210 6.20 -8.15 -11.63
N ASP A 211 5.31 -7.72 -10.72
CA ASP A 211 4.44 -6.56 -10.97
C ASP A 211 5.21 -5.27 -11.22
N GLY A 212 6.39 -5.16 -10.59
CA GLY A 212 7.24 -4.00 -10.79
C GLY A 212 8.21 -4.09 -11.97
N GLY A 213 8.07 -5.13 -12.80
CA GLY A 213 9.01 -5.36 -13.90
C GLY A 213 8.46 -5.18 -15.31
N THR A 214 7.29 -4.55 -15.43
CA THR A 214 6.57 -4.49 -16.71
C THR A 214 7.27 -3.54 -17.70
N VAL A 215 7.17 -3.85 -18.99
CA VAL A 215 7.84 -3.04 -20.02
C VAL A 215 7.31 -1.59 -19.98
N ASP A 216 8.24 -0.63 -19.97
CA ASP A 216 7.95 0.81 -19.88
C ASP A 216 7.10 1.21 -18.67
N GLY A 217 7.14 0.38 -17.62
CA GLY A 217 6.32 0.58 -16.43
C GLY A 217 4.83 0.60 -16.70
N ILE A 218 4.40 -0.06 -17.78
CA ILE A 218 2.98 -0.08 -18.12
C ILE A 218 2.24 -0.99 -17.11
N ASN A 219 1.26 -0.42 -16.41
CA ASN A 219 0.56 -1.12 -15.34
C ASN A 219 -0.16 -2.34 -15.90
N GLU A 220 0.00 -3.48 -15.22
CA GLU A 220 -0.69 -4.73 -15.58
C GLU A 220 -0.12 -5.39 -16.84
N ASN A 221 1.03 -4.91 -17.31
CA ASN A 221 1.54 -5.35 -18.61
C ASN A 221 2.45 -6.59 -18.55
N ASN A 222 3.41 -6.65 -19.48
CA ASN A 222 4.25 -7.82 -19.64
C ASN A 222 5.61 -7.57 -19.00
N THR A 223 5.99 -8.47 -18.08
CA THR A 223 7.33 -8.49 -17.51
C THR A 223 8.17 -9.44 -18.35
N ILE A 224 9.06 -8.86 -19.14
CA ILE A 224 9.92 -9.62 -20.04
C ILE A 224 11.30 -9.76 -19.42
N ILE A 225 11.56 -10.94 -18.84
CA ILE A 225 12.80 -11.21 -18.13
C ILE A 225 13.00 -12.73 -18.05
N ASN A 226 14.25 -13.19 -18.08
CA ASN A 226 14.52 -14.62 -17.93
C ASN A 226 14.28 -15.10 -16.49
N ARG A 227 14.27 -16.42 -16.28
CA ARG A 227 13.99 -16.98 -14.96
C ARG A 227 14.97 -16.46 -13.91
N GLU A 228 16.26 -16.38 -14.26
CA GLU A 228 17.26 -15.87 -13.31
C GLU A 228 16.96 -14.46 -12.83
N GLY A 229 16.55 -13.59 -13.76
CA GLY A 229 16.20 -12.20 -13.42
C GLY A 229 14.95 -12.12 -12.57
N LEU A 230 13.94 -12.89 -12.93
CA LEU A 230 12.69 -12.97 -12.16
C LEU A 230 13.00 -13.44 -10.73
N MET A 231 13.82 -14.48 -10.61
CA MET A 231 14.15 -15.08 -9.33
C MET A 231 15.10 -14.23 -8.47
N ASN A 232 15.96 -13.43 -9.09
CA ASN A 232 16.88 -12.63 -8.28
C ASN A 232 16.41 -11.20 -7.97
N ILE A 233 15.43 -10.70 -8.72
CA ILE A 233 14.88 -9.35 -8.51
C ILE A 233 13.49 -9.39 -7.88
N HIS A 234 12.55 -10.05 -8.55
CA HIS A 234 11.13 -9.93 -8.22
C HIS A 234 10.62 -10.97 -7.22
N MET A 235 11.35 -12.07 -7.09
CA MET A 235 10.93 -13.18 -6.23
C MET A 235 11.41 -13.12 -4.76
N PRO A 236 12.68 -12.69 -4.51
CA PRO A 236 13.26 -12.84 -3.17
C PRO A 236 12.40 -12.43 -1.97
N ALA A 237 11.73 -11.28 -2.04
CA ALA A 237 10.94 -10.81 -0.90
C ALA A 237 9.76 -11.73 -0.54
N TYR A 238 9.27 -12.49 -1.54
CA TYR A 238 8.24 -13.49 -1.27
C TYR A 238 8.73 -14.60 -0.33
N LYS A 239 10.01 -14.96 -0.44
CA LYS A 239 10.62 -15.93 0.47
C LYS A 239 10.72 -15.39 1.90
N ASN A 240 11.17 -14.15 2.06
CA ASN A 240 11.10 -13.47 3.37
C ASN A 240 9.67 -13.49 3.93
N ALA A 241 8.70 -13.22 3.06
CA ALA A 241 7.29 -13.23 3.46
C ALA A 241 6.87 -14.62 3.95
N MET A 242 7.37 -15.68 3.30
CA MET A 242 7.12 -17.06 3.76
C MET A 242 7.68 -17.27 5.17
N ASP A 243 8.90 -16.79 5.39
CA ASP A 243 9.61 -16.93 6.67
C ASP A 243 8.92 -16.20 7.81
N LYS A 244 8.19 -15.13 7.48
CA LYS A 244 7.46 -14.34 8.47
C LYS A 244 5.96 -14.68 8.55
N GLY A 245 5.55 -15.78 7.90
CA GLY A 245 4.20 -16.31 8.03
C GLY A 245 3.07 -15.50 7.39
N VAL A 246 3.36 -14.82 6.28
CA VAL A 246 2.33 -14.05 5.58
C VAL A 246 1.14 -14.97 5.31
N SER A 247 -0.07 -14.51 5.63
CA SER A 247 -1.25 -15.39 5.60
C SER A 247 -1.80 -15.65 4.21
N THR A 248 -1.68 -14.65 3.34
CA THR A 248 -2.23 -14.69 1.99
C THR A 248 -1.26 -14.07 0.98
N VAL A 249 -1.42 -14.46 -0.29
CA VAL A 249 -0.68 -13.85 -1.40
C VAL A 249 -1.68 -13.47 -2.50
N MET A 250 -1.60 -12.23 -2.99
CA MET A 250 -2.44 -11.83 -4.11
C MET A 250 -1.67 -11.94 -5.43
N ILE A 251 -2.34 -12.48 -6.44
CA ILE A 251 -1.75 -12.63 -7.79
C ILE A 251 -1.80 -11.33 -8.59
N SER A 252 -0.75 -11.09 -9.40
CA SER A 252 -0.64 -9.90 -10.20
C SER A 252 -1.45 -9.96 -11.49
N TYR A 253 -2.00 -8.82 -11.90
CA TYR A 253 -2.60 -8.66 -13.23
C TYR A 253 -1.55 -8.88 -14.31
N SER A 254 -0.29 -8.61 -13.99
CA SER A 254 0.78 -8.61 -14.99
C SER A 254 1.04 -10.00 -15.57
N SER A 255 1.77 -10.03 -16.68
CA SER A 255 2.19 -11.27 -17.32
C SER A 255 3.70 -11.46 -17.16
N TRP A 256 4.14 -12.72 -17.19
CA TRP A 256 5.57 -13.01 -17.27
C TRP A 256 5.90 -13.69 -18.59
N ASN A 257 6.70 -12.99 -19.40
CA ASN A 257 7.01 -13.40 -20.76
C ASN A 257 5.74 -13.81 -21.54
N GLY A 258 4.69 -13.01 -21.38
CA GLY A 258 3.46 -13.21 -22.13
C GLY A 258 2.49 -14.17 -21.47
N VAL A 259 2.85 -14.71 -20.30
CA VAL A 259 1.94 -15.61 -19.59
C VAL A 259 1.26 -14.88 -18.44
N LYS A 260 -0.06 -14.82 -18.47
CA LYS A 260 -0.83 -14.17 -17.42
C LYS A 260 -0.54 -14.85 -16.09
N MET A 261 -0.13 -14.06 -15.08
CA MET A 261 0.06 -14.59 -13.73
C MET A 261 -1.17 -15.33 -13.18
N HIS A 262 -2.36 -14.81 -13.48
CA HIS A 262 -3.62 -15.44 -13.03
C HIS A 262 -3.89 -16.81 -13.68
N ALA A 263 -3.13 -17.16 -14.73
CA ALA A 263 -3.24 -18.47 -15.38
C ALA A 263 -1.95 -19.30 -15.27
N ASN A 264 -0.99 -18.83 -14.48
CA ASN A 264 0.33 -19.48 -14.41
C ASN A 264 0.45 -20.57 -13.31
N GLN A 265 0.13 -21.81 -13.70
CA GLN A 265 0.22 -22.93 -12.80
C GLN A 265 1.64 -23.20 -12.32
N ASP A 266 2.61 -23.05 -13.23
CA ASP A 266 4.02 -23.28 -12.89
C ASP A 266 4.46 -22.40 -11.72
N LEU A 267 4.12 -21.11 -11.78
CA LEU A 267 4.51 -20.19 -10.71
C LEU A 267 3.64 -20.29 -9.45
N VAL A 268 2.33 -20.35 -9.62
CA VAL A 268 1.39 -20.30 -8.49
C VAL A 268 1.40 -21.63 -7.71
N THR A 269 1.28 -22.74 -8.43
CA THR A 269 1.32 -24.05 -7.79
C THR A 269 2.74 -24.63 -7.71
N GLY A 270 3.41 -24.73 -8.86
CA GLY A 270 4.77 -25.28 -8.91
C GLY A 270 5.75 -24.57 -7.98
N TYR A 271 5.74 -23.24 -8.01
CA TYR A 271 6.71 -22.49 -7.21
C TYR A 271 6.19 -22.03 -5.84
N LEU A 272 5.18 -21.18 -5.81
CA LEU A 272 4.67 -20.63 -4.56
C LEU A 272 4.24 -21.73 -3.60
N LYS A 273 3.35 -22.61 -4.04
CA LYS A 273 2.86 -23.68 -3.19
C LYS A 273 3.86 -24.83 -3.02
N ASP A 274 4.33 -25.39 -4.13
CA ASP A 274 5.11 -26.65 -4.09
C ASP A 274 6.60 -26.50 -3.78
N THR A 275 7.17 -25.32 -4.04
CA THR A 275 8.59 -25.05 -3.78
C THR A 275 8.77 -24.21 -2.50
N LEU A 276 8.10 -23.07 -2.43
CA LEU A 276 8.19 -22.20 -1.24
C LEU A 276 7.38 -22.75 -0.05
N LYS A 277 6.55 -23.75 -0.31
CA LYS A 277 5.70 -24.41 0.69
C LYS A 277 4.69 -23.45 1.34
N PHE A 278 4.21 -22.48 0.57
CA PHE A 278 3.16 -21.61 1.03
C PHE A 278 1.90 -22.41 1.40
N LYS A 279 1.44 -22.23 2.63
CA LYS A 279 0.27 -22.95 3.17
C LYS A 279 -0.94 -22.04 3.47
N GLY A 280 -0.78 -20.74 3.27
CA GLY A 280 -1.91 -19.81 3.40
C GLY A 280 -2.76 -19.88 2.14
N PHE A 281 -3.62 -18.88 1.92
CA PHE A 281 -4.42 -18.87 0.70
C PHE A 281 -3.98 -17.87 -0.36
N VAL A 282 -4.16 -18.27 -1.62
CA VAL A 282 -3.80 -17.41 -2.75
C VAL A 282 -5.07 -16.73 -3.27
N ILE A 283 -5.06 -15.39 -3.31
CA ILE A 283 -6.22 -14.63 -3.76
C ILE A 283 -5.94 -13.92 -5.09
N SER A 284 -6.96 -13.81 -5.95
CA SER A 284 -6.86 -13.07 -7.20
C SER A 284 -6.86 -11.58 -6.91
N ASP A 285 -6.43 -10.80 -7.90
CA ASP A 285 -6.69 -9.37 -7.88
C ASP A 285 -8.11 -9.11 -8.43
N TRP A 286 -8.56 -7.86 -8.32
CA TRP A 286 -9.94 -7.44 -8.64
C TRP A 286 -10.24 -7.67 -10.12
N GLU A 287 -11.17 -8.59 -10.41
CA GLU A 287 -11.41 -9.05 -11.80
C GLU A 287 -10.13 -9.54 -12.48
N GLY A 288 -9.19 -10.04 -11.70
CA GLY A 288 -7.91 -10.53 -12.23
C GLY A 288 -8.15 -11.68 -13.18
N ILE A 289 -9.11 -12.55 -12.88
CA ILE A 289 -9.34 -13.71 -13.75
C ILE A 289 -10.01 -13.30 -15.08
N ASP A 290 -10.90 -12.30 -15.03
CA ASP A 290 -11.53 -11.73 -16.23
C ASP A 290 -10.46 -11.26 -17.20
N ARG A 291 -9.38 -10.71 -16.64
CA ARG A 291 -8.35 -10.04 -17.42
C ARG A 291 -7.31 -10.99 -18.02
N ILE A 292 -7.43 -12.28 -17.72
CA ILE A 292 -6.66 -13.31 -18.44
C ILE A 292 -6.90 -13.20 -19.95
N THR A 293 -8.15 -12.93 -20.33
CA THR A 293 -8.54 -12.87 -21.74
C THR A 293 -8.50 -11.45 -22.32
N THR A 294 -8.41 -11.37 -23.64
CA THR A 294 -8.54 -10.13 -24.39
C THR A 294 -9.69 -10.27 -25.41
N PRO A 295 -10.73 -9.42 -25.30
CA PRO A 295 -10.92 -8.44 -24.24
C PRO A 295 -11.19 -9.12 -22.91
N ALA A 296 -11.02 -8.37 -21.82
CA ALA A 296 -11.31 -8.86 -20.46
C ALA A 296 -12.76 -9.29 -20.36
N GLY A 297 -12.99 -10.44 -19.73
CA GLY A 297 -14.33 -10.96 -19.52
C GLY A 297 -15.00 -11.68 -20.68
N SER A 298 -14.33 -11.77 -21.82
CA SER A 298 -14.94 -12.33 -23.05
C SER A 298 -15.09 -13.85 -23.05
N ASP A 299 -14.46 -14.52 -22.09
CA ASP A 299 -14.68 -15.96 -21.92
C ASP A 299 -14.49 -16.30 -20.45
N TYR A 300 -15.49 -15.94 -19.65
CA TYR A 300 -15.39 -16.08 -18.21
C TYR A 300 -15.28 -17.54 -17.76
N SER A 301 -15.89 -18.44 -18.52
CA SER A 301 -15.77 -19.87 -18.23
C SER A 301 -14.32 -20.33 -18.29
N TYR A 302 -13.59 -19.87 -19.31
CA TYR A 302 -12.15 -20.11 -19.39
C TYR A 302 -11.40 -19.45 -18.23
N SER A 303 -11.68 -18.17 -17.95
CA SER A 303 -11.10 -17.46 -16.80
C SER A 303 -11.16 -18.29 -15.50
N VAL A 304 -12.33 -18.86 -15.20
CA VAL A 304 -12.54 -19.66 -13.98
C VAL A 304 -11.70 -20.94 -14.03
N LYS A 305 -11.82 -21.69 -15.13
CA LYS A 305 -11.02 -22.89 -15.37
C LYS A 305 -9.51 -22.64 -15.21
N ALA A 306 -8.98 -21.68 -15.97
CA ALA A 306 -7.54 -21.39 -15.97
C ALA A 306 -7.01 -20.97 -14.59
N SER A 307 -7.73 -20.07 -13.94
CA SER A 307 -7.28 -19.52 -12.65
C SER A 307 -7.34 -20.56 -11.54
N ILE A 308 -8.43 -21.32 -11.50
CA ILE A 308 -8.60 -22.32 -10.45
C ILE A 308 -7.61 -23.48 -10.66
N LEU A 309 -7.48 -23.95 -11.90
CA LEU A 309 -6.48 -24.96 -12.23
C LEU A 309 -5.05 -24.45 -12.00
N ALA A 310 -4.83 -23.15 -12.15
CA ALA A 310 -3.49 -22.58 -11.89
C ALA A 310 -3.08 -22.64 -10.41
N GLY A 311 -4.08 -22.73 -9.52
CA GLY A 311 -3.84 -22.85 -8.09
C GLY A 311 -4.39 -21.73 -7.21
N LEU A 312 -5.15 -20.80 -7.79
CA LEU A 312 -5.77 -19.75 -6.98
C LEU A 312 -6.85 -20.34 -6.09
N ASP A 313 -6.94 -19.82 -4.87
CA ASP A 313 -7.81 -20.36 -3.82
C ASP A 313 -9.06 -19.53 -3.63
N MET A 314 -8.89 -18.21 -3.61
CA MET A 314 -10.02 -17.31 -3.40
C MET A 314 -10.04 -16.32 -4.54
N ILE A 315 -11.23 -16.07 -5.07
CA ILE A 315 -11.40 -15.16 -6.18
C ILE A 315 -12.06 -13.86 -5.70
N MET A 316 -11.37 -12.74 -5.93
CA MET A 316 -11.94 -11.40 -5.75
C MET A 316 -12.78 -11.11 -6.98
N VAL A 317 -14.07 -11.46 -6.90
CA VAL A 317 -14.92 -11.47 -8.11
C VAL A 317 -14.98 -10.12 -8.84
N PRO A 318 -15.34 -9.01 -8.14
CA PRO A 318 -15.93 -8.93 -6.81
C PRO A 318 -17.47 -8.71 -6.85
N ASN A 319 -18.01 -8.55 -8.05
CA ASN A 319 -19.41 -8.14 -8.20
C ASN A 319 -20.32 -9.25 -8.69
N LYS A 320 -19.89 -9.90 -9.75
CA LYS A 320 -20.68 -10.92 -10.44
C LYS A 320 -20.52 -12.32 -9.81
N TYR A 321 -20.86 -12.44 -8.53
CA TYR A 321 -20.67 -13.68 -7.79
C TYR A 321 -21.54 -14.82 -8.35
N GLN A 322 -22.73 -14.49 -8.83
CA GLN A 322 -23.67 -15.51 -9.35
C GLN A 322 -23.02 -16.24 -10.53
N GLN A 323 -22.47 -15.47 -11.48
CA GLN A 323 -21.79 -16.04 -12.64
C GLN A 323 -20.56 -16.87 -12.21
N PHE A 324 -19.76 -16.33 -11.30
CA PHE A 324 -18.61 -17.06 -10.77
C PHE A 324 -18.98 -18.39 -10.14
N ILE A 325 -19.92 -18.37 -9.20
CA ILE A 325 -20.36 -19.58 -8.50
C ILE A 325 -21.00 -20.57 -9.47
N SER A 326 -21.86 -20.09 -10.37
CA SER A 326 -22.52 -20.95 -11.34
C SER A 326 -21.52 -21.67 -12.25
N ILE A 327 -20.57 -20.92 -12.79
CA ILE A 327 -19.57 -21.49 -13.69
C ILE A 327 -18.64 -22.46 -12.96
N LEU A 328 -18.14 -22.06 -11.80
CA LEU A 328 -17.26 -22.97 -11.04
C LEU A 328 -17.98 -24.27 -10.68
N THR A 329 -19.22 -24.14 -10.21
CA THR A 329 -20.06 -25.29 -9.90
C THR A 329 -20.19 -26.22 -11.12
N GLY A 330 -20.44 -25.64 -12.30
CA GLY A 330 -20.56 -26.42 -13.53
C GLY A 330 -19.28 -27.19 -13.86
N HIS A 331 -18.14 -26.52 -13.70
CA HIS A 331 -16.84 -27.10 -13.98
C HIS A 331 -16.57 -28.29 -13.07
N VAL A 332 -16.96 -28.18 -11.80
CA VAL A 332 -16.74 -29.27 -10.86
C VAL A 332 -17.69 -30.42 -11.16
N ASN A 333 -18.96 -30.12 -11.40
CA ASN A 333 -19.96 -31.12 -11.78
C ASN A 333 -19.60 -31.90 -13.05
N GLY A 334 -18.98 -31.22 -14.00
CA GLY A 334 -18.55 -31.84 -15.25
C GLY A 334 -17.15 -32.47 -15.24
N GLY A 335 -16.47 -32.42 -14.09
CA GLY A 335 -15.16 -33.06 -13.93
C GLY A 335 -13.95 -32.29 -14.46
N VAL A 336 -14.18 -31.07 -14.94
CA VAL A 336 -13.13 -30.23 -15.51
C VAL A 336 -12.17 -29.69 -14.44
N ILE A 337 -12.72 -29.38 -13.27
CA ILE A 337 -11.93 -29.07 -12.07
C ILE A 337 -12.20 -30.17 -11.02
N PRO A 338 -11.13 -30.86 -10.58
CA PRO A 338 -11.32 -31.97 -9.65
C PRO A 338 -11.65 -31.49 -8.22
N MET A 339 -12.36 -32.33 -7.48
CA MET A 339 -12.68 -32.03 -6.07
C MET A 339 -11.43 -31.71 -5.25
N SER A 340 -10.34 -32.39 -5.55
CA SER A 340 -9.09 -32.20 -4.81
C SER A 340 -8.58 -30.76 -4.90
N ARG A 341 -8.81 -30.11 -6.05
CA ARG A 341 -8.40 -28.72 -6.25
C ARG A 341 -9.27 -27.80 -5.38
N ILE A 342 -10.58 -28.02 -5.40
CA ILE A 342 -11.51 -27.29 -4.54
C ILE A 342 -11.17 -27.50 -3.05
N ASP A 343 -10.94 -28.76 -2.67
CA ASP A 343 -10.59 -29.11 -1.30
C ASP A 343 -9.28 -28.43 -0.85
N ASP A 344 -8.34 -28.29 -1.78
CA ASP A 344 -7.10 -27.59 -1.46
C ASP A 344 -7.37 -26.11 -1.20
N ALA A 345 -8.14 -25.46 -2.06
CA ALA A 345 -8.46 -24.03 -1.89
C ALA A 345 -9.16 -23.78 -0.54
N VAL A 346 -10.15 -24.62 -0.22
CA VAL A 346 -10.93 -24.46 1.02
C VAL A 346 -10.08 -24.77 2.26
N THR A 347 -9.23 -25.80 2.17
CA THR A 347 -8.29 -26.11 3.26
C THR A 347 -7.45 -24.89 3.60
N ARG A 348 -6.93 -24.22 2.58
CA ARG A 348 -6.08 -23.04 2.75
C ARG A 348 -6.85 -21.85 3.35
N ILE A 349 -8.04 -21.59 2.82
CA ILE A 349 -8.88 -20.51 3.33
C ILE A 349 -9.25 -20.73 4.81
N LEU A 350 -9.72 -21.94 5.11
CA LEU A 350 -10.09 -22.29 6.47
C LEU A 350 -8.89 -22.27 7.41
N ARG A 351 -7.73 -22.76 6.95
CA ARG A 351 -6.52 -22.75 7.77
C ARG A 351 -6.22 -21.33 8.24
N VAL A 352 -6.30 -20.37 7.33
CA VAL A 352 -6.03 -18.99 7.67
C VAL A 352 -7.06 -18.46 8.69
N LYS A 353 -8.35 -18.72 8.43
CA LYS A 353 -9.43 -18.33 9.36
C LYS A 353 -9.31 -18.92 10.77
N PHE A 354 -9.07 -20.23 10.87
CA PHE A 354 -8.89 -20.89 12.16
C PHE A 354 -7.62 -20.34 12.85
N THR A 355 -6.52 -20.27 12.12
CA THR A 355 -5.24 -19.81 12.67
C THR A 355 -5.34 -18.41 13.29
N MET A 356 -6.02 -17.50 12.60
CA MET A 356 -6.12 -16.12 13.07
C MET A 356 -7.11 -15.93 14.23
N GLY A 357 -7.83 -17.00 14.60
CA GLY A 357 -8.84 -16.92 15.65
C GLY A 357 -10.20 -16.40 15.23
N LEU A 358 -10.48 -16.41 13.93
CA LEU A 358 -11.73 -15.86 13.40
C LEU A 358 -12.98 -16.59 13.93
N PHE A 359 -12.88 -17.89 14.16
CA PHE A 359 -14.01 -18.69 14.66
C PHE A 359 -14.36 -18.33 16.11
N GLU A 360 -13.34 -17.89 16.85
CA GLU A 360 -13.49 -17.49 18.26
C GLU A 360 -13.84 -16.01 18.40
N ASN A 361 -13.36 -15.19 17.46
CA ASN A 361 -13.69 -13.76 17.49
C ASN A 361 -14.16 -13.25 16.12
N PRO A 362 -15.36 -13.70 15.70
CA PRO A 362 -15.89 -13.27 14.41
C PRO A 362 -16.37 -11.84 14.37
N TYR A 363 -16.64 -11.25 15.53
CA TYR A 363 -17.21 -9.90 15.60
C TYR A 363 -16.22 -8.82 16.06
N ALA A 364 -16.55 -7.56 15.76
CA ALA A 364 -15.72 -6.42 16.09
C ALA A 364 -15.70 -6.16 17.60
N ASP A 365 -14.61 -5.55 18.05
CA ASP A 365 -14.44 -5.15 19.43
C ASP A 365 -14.66 -3.63 19.52
N PRO A 366 -15.78 -3.21 20.13
CA PRO A 366 -16.09 -1.78 20.20
C PRO A 366 -15.05 -1.00 21.01
N ALA A 367 -14.33 -1.68 21.91
CA ALA A 367 -13.25 -1.04 22.67
C ALA A 367 -12.05 -0.68 21.79
N MET A 368 -12.03 -1.16 20.55
CA MET A 368 -10.93 -0.88 19.62
C MET A 368 -11.17 0.38 18.81
N ALA A 369 -12.41 0.87 18.83
CA ALA A 369 -12.82 1.99 17.98
C ALA A 369 -11.89 3.19 18.13
N GLU A 370 -11.46 3.47 19.36
CA GLU A 370 -10.63 4.65 19.64
C GLU A 370 -9.15 4.52 19.19
N GLN A 371 -8.79 3.36 18.67
CA GLN A 371 -7.48 3.17 18.01
C GLN A 371 -7.38 3.94 16.68
N LEU A 372 -8.53 4.22 16.07
CA LEU A 372 -8.58 4.98 14.82
C LEU A 372 -8.06 6.41 14.99
N GLY A 373 -7.01 6.76 14.25
CA GLY A 373 -6.43 8.10 14.32
C GLY A 373 -5.78 8.43 15.67
N LYS A 374 -5.40 7.39 16.41
CA LYS A 374 -4.91 7.58 17.79
C LYS A 374 -3.60 8.36 17.77
N GLN A 375 -3.44 9.31 18.69
CA GLN A 375 -2.33 10.28 18.61
C GLN A 375 -0.95 9.64 18.58
N GLU A 376 -0.77 8.56 19.34
CA GLU A 376 0.50 7.81 19.28
C GLU A 376 0.81 7.34 17.84
N HIS A 377 -0.22 6.91 17.11
CA HIS A 377 -0.03 6.44 15.73
C HIS A 377 0.36 7.61 14.81
N ARG A 378 -0.22 8.79 15.07
CA ARG A 378 0.12 10.00 14.31
C ARG A 378 1.57 10.43 14.60
N ASP A 379 1.97 10.30 15.87
CA ASP A 379 3.35 10.60 16.26
C ASP A 379 4.32 9.67 15.52
N LEU A 380 3.91 8.41 15.34
CA LEU A 380 4.69 7.44 14.58
C LEU A 380 4.78 7.82 13.09
N ALA A 381 3.64 8.21 12.51
CA ALA A 381 3.55 8.66 11.12
C ALA A 381 4.39 9.91 10.89
N ARG A 382 4.38 10.79 11.88
CA ARG A 382 5.18 11.99 11.90
C ARG A 382 6.69 11.66 11.88
N GLU A 383 7.08 10.73 12.75
CA GLU A 383 8.45 10.19 12.74
C GLU A 383 8.81 9.60 11.37
N ALA A 384 7.94 8.76 10.82
CA ALA A 384 8.18 8.12 9.51
C ALA A 384 8.31 9.14 8.38
N ALA A 385 7.41 10.13 8.36
CA ALA A 385 7.43 11.19 7.34
C ALA A 385 8.78 11.90 7.38
N ARG A 386 9.21 12.28 8.58
CA ARG A 386 10.48 12.98 8.76
C ARG A 386 11.67 12.14 8.29
N LYS A 387 11.68 10.87 8.69
CA LYS A 387 12.75 9.94 8.30
C LYS A 387 12.78 9.67 6.79
N SER A 388 11.63 9.78 6.14
CA SER A 388 11.51 9.50 4.71
C SER A 388 12.08 10.58 3.81
N LEU A 389 12.19 11.79 4.34
CA LEU A 389 12.63 12.95 3.54
C LEU A 389 14.06 12.78 3.03
N VAL A 390 14.25 13.01 1.74
CA VAL A 390 15.61 12.96 1.18
C VAL A 390 16.03 14.37 0.76
N LEU A 391 17.07 14.89 1.41
CA LEU A 391 17.59 16.21 1.10
C LEU A 391 18.52 16.11 -0.11
N LEU A 392 18.13 16.77 -1.20
CA LEU A 392 18.87 16.67 -2.46
C LEU A 392 19.83 17.83 -2.70
N LYS A 393 19.55 18.96 -2.06
CA LYS A 393 20.33 20.19 -2.25
C LYS A 393 20.17 21.01 -0.99
N ASN A 394 21.26 21.63 -0.54
CA ASN A 394 21.21 22.53 0.63
C ASN A 394 22.21 23.67 0.47
N GLY A 395 21.99 24.49 -0.55
CA GLY A 395 22.92 25.57 -0.87
C GLY A 395 23.29 25.52 -2.34
N LYS A 396 23.27 26.68 -2.99
CA LYS A 396 23.50 26.75 -4.44
C LYS A 396 24.97 26.58 -4.84
N THR A 397 25.89 26.95 -3.96
CA THR A 397 27.32 26.78 -4.22
C THR A 397 28.00 26.16 -3.00
N SER A 398 29.23 25.70 -3.20
CA SER A 398 30.02 25.09 -2.14
C SER A 398 30.34 26.07 -1.02
N THR A 399 30.30 27.37 -1.31
CA THR A 399 30.62 28.38 -0.32
C THR A 399 29.41 29.06 0.34
N ASP A 400 28.21 28.75 -0.13
CA ASP A 400 26.96 29.28 0.47
C ASP A 400 26.75 28.76 1.88
N ALA A 401 26.17 29.58 2.75
CA ALA A 401 25.62 29.10 4.02
C ALA A 401 24.49 28.12 3.71
N PRO A 402 24.47 26.96 4.38
CA PRO A 402 23.36 26.00 4.20
C PRO A 402 22.06 26.69 4.57
N LEU A 403 21.03 26.55 3.73
CA LEU A 403 19.72 27.12 4.05
C LEU A 403 19.03 26.35 5.19
N LEU A 404 19.10 25.02 5.15
CA LEU A 404 18.49 24.18 6.17
C LEU A 404 19.54 23.74 7.19
N PRO A 405 19.16 23.70 8.49
CA PRO A 405 17.80 24.01 8.97
C PRO A 405 17.48 25.51 9.09
N LEU A 406 16.20 25.82 8.90
CA LEU A 406 15.69 27.18 8.97
C LEU A 406 15.50 27.61 10.44
N PRO A 407 15.68 28.91 10.74
CA PRO A 407 15.34 29.38 12.09
C PRO A 407 13.81 29.47 12.29
N LYS A 408 13.35 29.08 13.48
CA LYS A 408 11.92 29.20 13.83
C LYS A 408 11.52 30.64 14.12
N LYS A 409 12.50 31.48 14.45
CA LYS A 409 12.25 32.90 14.71
C LYS A 409 12.77 33.79 13.58
N ALA A 410 11.84 34.41 12.87
CA ALA A 410 12.14 35.35 11.80
C ALA A 410 10.99 36.34 11.71
N PRO A 411 11.28 37.59 11.29
CA PRO A 411 10.20 38.57 11.27
C PRO A 411 9.00 38.13 10.44
N LYS A 412 9.26 37.56 9.26
CA LYS A 412 8.21 37.26 8.33
C LYS A 412 8.71 36.21 7.37
N ILE A 413 7.88 35.21 7.11
CA ILE A 413 8.23 34.12 6.20
C ILE A 413 7.10 33.84 5.23
N LEU A 414 7.43 33.24 4.10
CA LEU A 414 6.45 32.90 3.07
C LEU A 414 6.29 31.39 2.91
N VAL A 415 5.04 30.94 2.95
CA VAL A 415 4.73 29.55 2.61
C VAL A 415 3.93 29.62 1.29
N ALA A 416 4.36 28.85 0.29
CA ALA A 416 3.75 28.94 -1.04
C ALA A 416 3.68 27.59 -1.77
N GLY A 417 2.90 27.58 -2.84
CA GLY A 417 2.82 26.41 -3.72
C GLY A 417 1.52 25.64 -3.58
N SER A 418 1.15 24.97 -4.67
CA SER A 418 -0.07 24.13 -4.75
C SER A 418 -0.12 22.99 -3.72
N HIS A 419 1.05 22.60 -3.21
CA HIS A 419 1.16 21.47 -2.28
C HIS A 419 1.41 21.90 -0.83
N ALA A 420 1.49 23.20 -0.57
CA ALA A 420 1.77 23.68 0.79
C ALA A 420 0.59 23.54 1.77
N ASP A 421 -0.63 23.65 1.25
CA ASP A 421 -1.82 23.57 2.10
C ASP A 421 -2.87 22.67 1.45
N ASN A 422 -2.48 21.43 1.16
CA ASN A 422 -3.36 20.49 0.49
C ASN A 422 -3.11 19.07 1.03
N LEU A 423 -3.97 18.67 1.96
CA LEU A 423 -3.82 17.41 2.66
C LEU A 423 -3.93 16.24 1.71
N GLY A 424 -4.90 16.28 0.81
CA GLY A 424 -5.09 15.23 -0.21
C GLY A 424 -3.85 15.04 -1.06
N TYR A 425 -3.24 16.13 -1.50
CA TYR A 425 -2.02 16.09 -2.30
C TYR A 425 -0.86 15.44 -1.55
N GLN A 426 -0.68 15.78 -0.27
CA GLN A 426 0.46 15.24 0.48
C GLN A 426 0.24 13.77 0.85
N CYS A 427 -1.00 13.30 0.81
CA CYS A 427 -1.31 11.88 1.01
C CYS A 427 -1.19 11.03 -0.25
N GLY A 428 -1.56 11.60 -1.40
CA GLY A 428 -1.51 10.89 -2.69
C GLY A 428 -2.60 9.82 -2.80
N GLY A 429 -2.42 8.89 -3.75
CA GLY A 429 -3.41 7.83 -4.00
C GLY A 429 -3.71 6.94 -2.79
N TRP A 430 -4.78 6.14 -2.92
CA TRP A 430 -5.25 5.27 -1.85
C TRP A 430 -5.46 6.05 -0.55
N THR A 431 -6.16 7.18 -0.64
CA THR A 431 -6.48 7.93 0.58
C THR A 431 -7.89 8.46 0.41
N ILE A 432 -8.79 7.91 1.23
CA ILE A 432 -10.20 8.23 1.26
C ILE A 432 -10.90 7.70 0.00
N GLU A 433 -10.48 8.22 -1.16
CA GLU A 433 -10.88 7.67 -2.46
C GLU A 433 -9.79 6.75 -2.98
N TRP A 434 -10.16 5.90 -3.93
CA TRP A 434 -9.21 5.03 -4.61
C TRP A 434 -8.02 5.82 -5.20
N GLN A 435 -8.34 6.87 -5.96
CA GLN A 435 -7.35 7.69 -6.67
C GLN A 435 -6.74 8.80 -5.80
N GLY A 436 -7.08 8.80 -4.52
CA GLY A 436 -6.77 9.95 -3.66
C GLY A 436 -7.67 11.10 -4.10
N ASP A 437 -7.37 12.30 -3.62
CA ASP A 437 -8.25 13.46 -3.83
C ASP A 437 -7.55 14.73 -3.40
N THR A 438 -8.21 15.86 -3.66
CA THR A 438 -7.66 17.19 -3.40
C THR A 438 -8.29 17.82 -2.15
N GLY A 439 -7.48 18.54 -1.38
CA GLY A 439 -8.00 19.34 -0.27
C GLY A 439 -8.10 18.59 1.03
N ARG A 440 -9.00 19.05 1.91
CA ARG A 440 -9.06 18.56 3.27
C ARG A 440 -9.99 17.34 3.35
N THR A 441 -9.47 16.19 2.94
CA THR A 441 -10.26 14.96 2.84
C THR A 441 -10.36 14.16 4.12
N THR A 442 -9.48 14.47 5.08
CA THR A 442 -9.40 13.70 6.32
C THR A 442 -8.80 14.56 7.44
N VAL A 443 -8.53 13.93 8.58
CA VAL A 443 -7.85 14.61 9.69
C VAL A 443 -6.34 14.54 9.47
N GLY A 444 -5.69 15.69 9.52
CA GLY A 444 -4.26 15.81 9.31
C GLY A 444 -3.76 17.23 9.43
N THR A 445 -2.48 17.41 9.13
CA THR A 445 -1.82 18.70 9.23
C THR A 445 -1.09 18.92 7.93
N THR A 446 -1.43 19.99 7.23
CA THR A 446 -0.73 20.35 6.01
C THR A 446 0.64 20.95 6.33
N ILE A 447 1.46 21.16 5.30
CA ILE A 447 2.77 21.77 5.48
C ILE A 447 2.63 23.17 6.06
N LEU A 448 1.68 23.96 5.53
CA LEU A 448 1.38 25.29 6.06
C LEU A 448 0.97 25.29 7.55
N GLU A 449 0.08 24.37 7.92
CA GLU A 449 -0.36 24.22 9.31
C GLU A 449 0.81 23.84 10.21
N ALA A 450 1.64 22.91 9.72
CA ALA A 450 2.86 22.48 10.39
C ALA A 450 3.82 23.64 10.63
N VAL A 451 4.02 24.48 9.60
CA VAL A 451 4.85 25.68 9.73
C VAL A 451 4.33 26.60 10.84
N LYS A 452 3.02 26.87 10.82
CA LYS A 452 2.40 27.75 11.81
C LYS A 452 2.52 27.19 13.22
N ALA A 453 2.48 25.86 13.34
CA ALA A 453 2.58 25.17 14.61
C ALA A 453 4.02 25.14 15.14
N ALA A 454 4.99 25.34 14.24
CA ALA A 454 6.42 25.18 14.57
C ALA A 454 7.12 26.49 14.92
N VAL A 455 6.71 27.58 14.27
CA VAL A 455 7.51 28.81 14.35
C VAL A 455 7.32 29.57 15.68
N ASP A 456 8.30 30.42 16.00
CA ASP A 456 8.20 31.32 17.15
C ASP A 456 6.93 32.18 17.01
N PRO A 457 6.27 32.51 18.15
CA PRO A 457 5.07 33.37 18.07
C PRO A 457 5.29 34.72 17.40
N SER A 458 6.53 35.23 17.41
CA SER A 458 6.83 36.50 16.79
C SER A 458 7.01 36.40 15.27
N THR A 459 7.09 35.17 14.74
CA THR A 459 7.26 34.93 13.30
C THR A 459 5.93 35.08 12.57
N VAL A 460 5.85 36.05 11.67
CA VAL A 460 4.69 36.21 10.80
C VAL A 460 4.77 35.24 9.62
N VAL A 461 3.73 34.42 9.48
CA VAL A 461 3.66 33.42 8.42
C VAL A 461 2.65 33.92 7.39
N VAL A 462 3.11 34.06 6.15
CA VAL A 462 2.22 34.46 5.05
C VAL A 462 2.04 33.28 4.09
N PHE A 463 0.78 32.97 3.76
CA PHE A 463 0.50 31.97 2.71
C PHE A 463 0.09 32.62 1.41
N ALA A 464 0.69 32.19 0.30
CA ALA A 464 0.27 32.58 -1.04
C ALA A 464 0.45 31.38 -1.95
N GLU A 465 -0.63 30.87 -2.53
CA GLU A 465 -0.52 29.63 -3.29
C GLU A 465 0.39 29.75 -4.51
N ASN A 466 0.16 30.79 -5.32
CA ASN A 466 0.96 31.03 -6.52
C ASN A 466 1.34 32.50 -6.64
N PRO A 467 2.22 32.99 -5.75
CA PRO A 467 2.54 34.41 -5.76
C PRO A 467 3.41 34.77 -6.97
N ASP A 468 3.24 35.98 -7.49
CA ASP A 468 4.16 36.45 -8.53
C ASP A 468 5.46 36.97 -7.93
N ALA A 469 6.47 37.15 -8.78
CA ALA A 469 7.81 37.52 -8.36
C ALA A 469 7.83 38.82 -7.55
N GLU A 470 6.98 39.77 -7.94
CA GLU A 470 6.90 41.09 -7.30
C GLU A 470 6.41 41.02 -5.86
N PHE A 471 5.37 40.22 -5.64
CA PHE A 471 4.80 39.99 -4.31
C PHE A 471 5.90 39.50 -3.37
N VAL A 472 6.64 38.49 -3.83
CA VAL A 472 7.77 37.94 -3.07
C VAL A 472 8.84 38.99 -2.74
N LYS A 473 9.29 39.71 -3.77
CA LYS A 473 10.35 40.72 -3.62
C LYS A 473 9.94 41.86 -2.68
N SER A 474 8.66 42.24 -2.76
CA SER A 474 8.11 43.30 -1.92
C SER A 474 7.69 42.86 -0.52
N GLY A 475 7.66 41.56 -0.26
CA GLY A 475 7.06 41.02 0.96
C GLY A 475 7.82 41.14 2.26
N GLY A 476 9.13 41.39 2.19
CA GLY A 476 9.94 41.49 3.40
C GLY A 476 10.15 40.14 4.08
N PHE A 477 10.24 39.09 3.27
CA PHE A 477 10.39 37.72 3.80
C PHE A 477 11.85 37.37 4.13
N SER A 478 12.08 36.62 5.20
CA SER A 478 13.42 36.11 5.53
C SER A 478 13.78 34.91 4.68
N TYR A 479 12.77 34.11 4.37
CA TYR A 479 12.93 32.95 3.49
C TYR A 479 11.54 32.47 3.10
N ALA A 480 11.49 31.50 2.19
CA ALA A 480 10.24 30.88 1.82
C ALA A 480 10.31 29.34 1.80
N ILE A 481 9.19 28.71 2.13
CA ILE A 481 9.03 27.27 1.94
C ILE A 481 8.01 27.09 0.81
N VAL A 482 8.42 26.38 -0.23
CA VAL A 482 7.52 26.23 -1.38
C VAL A 482 7.33 24.76 -1.73
N ALA A 483 6.07 24.34 -1.75
CA ALA A 483 5.77 22.92 -1.93
C ALA A 483 4.97 22.72 -3.20
N VAL A 484 5.47 21.85 -4.06
CA VAL A 484 4.84 21.54 -5.35
C VAL A 484 5.00 20.05 -5.62
N GLY A 485 4.36 19.58 -6.69
CA GLY A 485 4.59 18.21 -7.13
C GLY A 485 3.43 17.55 -7.85
N GLU A 486 3.38 16.23 -7.71
CA GLU A 486 2.41 15.39 -8.40
C GLU A 486 1.05 15.43 -7.75
N HIS A 487 0.02 15.20 -8.57
CA HIS A 487 -1.33 15.06 -8.07
C HIS A 487 -1.56 13.59 -7.68
N PRO A 488 -2.53 13.33 -6.79
CA PRO A 488 -2.78 11.93 -6.43
C PRO A 488 -3.17 11.05 -7.63
N TYR A 489 -2.66 9.83 -7.63
CA TYR A 489 -3.05 8.85 -8.64
C TYR A 489 -2.85 7.46 -8.09
N THR A 490 -3.49 6.50 -8.75
CA THR A 490 -3.42 5.11 -8.37
C THR A 490 -3.49 4.22 -9.62
N GLU A 491 -2.67 3.16 -9.63
CA GLU A 491 -2.70 2.16 -10.69
C GLU A 491 -2.51 2.84 -12.06
N THR A 492 -3.34 2.51 -13.04
CA THR A 492 -3.08 2.94 -14.43
C THR A 492 -3.14 4.45 -14.60
N LYS A 493 -4.01 5.11 -13.83
CA LYS A 493 -4.06 6.58 -13.85
C LYS A 493 -2.69 7.21 -13.58
N GLY A 494 -1.82 6.49 -12.87
CA GLY A 494 -0.46 6.97 -12.58
C GLY A 494 0.63 6.71 -13.62
N ASP A 495 0.37 5.84 -14.59
CA ASP A 495 1.35 5.55 -15.66
C ASP A 495 1.63 6.86 -16.38
N ASN A 496 2.90 7.16 -16.58
CA ASN A 496 3.32 8.50 -16.99
C ASN A 496 4.67 8.43 -17.68
N LEU A 497 4.71 8.76 -18.97
CA LEU A 497 5.93 8.64 -19.76
C LEU A 497 6.84 9.88 -19.75
N ASN A 498 6.34 11.01 -19.29
N ASN A 498 6.30 11.00 -19.27
CA ASN A 498 7.16 12.21 -19.25
CA ASN A 498 6.95 12.32 -19.21
C ASN A 498 7.64 12.57 -17.85
N LEU A 499 6.93 12.15 -16.80
CA LEU A 499 7.32 12.41 -15.40
C LEU A 499 7.74 13.86 -15.10
N THR A 500 6.95 14.81 -15.59
CA THR A 500 7.17 16.21 -15.27
C THR A 500 6.01 16.65 -14.39
N ILE A 501 6.29 17.44 -13.36
CA ILE A 501 5.21 17.84 -12.45
C ILE A 501 4.22 18.77 -13.17
N PRO A 502 2.93 18.71 -12.81
CA PRO A 502 1.97 19.64 -13.40
C PRO A 502 2.28 21.10 -13.01
N GLU A 503 1.87 22.01 -13.88
CA GLU A 503 1.98 23.44 -13.64
C GLU A 503 0.65 24.01 -13.13
N PRO A 504 0.70 25.10 -12.32
CA PRO A 504 1.92 25.79 -11.92
C PRO A 504 2.64 25.02 -10.79
N GLY A 505 3.96 24.88 -10.94
CA GLY A 505 4.79 24.17 -9.97
C GLY A 505 6.16 24.80 -10.10
N LEU A 506 6.82 24.50 -11.21
CA LEU A 506 8.10 25.12 -11.54
C LEU A 506 8.00 26.64 -11.57
N SER A 507 6.97 27.17 -12.20
CA SER A 507 6.81 28.61 -12.32
C SER A 507 6.70 29.30 -10.96
N THR A 508 6.03 28.65 -10.00
CA THR A 508 5.90 29.18 -8.64
C THR A 508 7.24 29.14 -7.90
N VAL A 509 7.95 28.01 -8.01
CA VAL A 509 9.29 27.86 -7.44
C VAL A 509 10.22 28.96 -7.98
N GLN A 510 10.22 29.15 -9.30
CA GLN A 510 11.05 30.19 -9.94
C GLN A 510 10.70 31.60 -9.43
N ALA A 511 9.40 31.89 -9.34
CA ALA A 511 8.93 33.21 -8.90
C ALA A 511 9.32 33.46 -7.44
N VAL A 512 9.19 32.43 -6.61
CA VAL A 512 9.49 32.55 -5.18
C VAL A 512 11.00 32.66 -4.93
N CYS A 513 11.74 31.69 -5.47
CA CYS A 513 13.17 31.58 -5.27
C CYS A 513 13.93 32.73 -5.92
N GLY A 514 13.33 33.31 -6.95
CA GLY A 514 13.84 34.54 -7.57
C GLY A 514 13.82 35.75 -6.65
N GLY A 515 12.94 35.74 -5.65
CA GLY A 515 12.75 36.91 -4.78
C GLY A 515 13.31 36.77 -3.39
N VAL A 516 13.48 35.53 -2.94
CA VAL A 516 13.93 35.25 -1.58
C VAL A 516 14.56 33.85 -1.55
N ARG A 517 15.46 33.58 -0.61
CA ARG A 517 16.01 32.23 -0.53
C ARG A 517 14.90 31.25 -0.15
N CYS A 518 14.94 30.07 -0.76
CA CYS A 518 13.79 29.16 -0.71
C CYS A 518 14.18 27.72 -0.45
N ALA A 519 13.34 27.05 0.33
CA ALA A 519 13.41 25.62 0.52
C ALA A 519 12.23 25.01 -0.25
N THR A 520 12.55 24.26 -1.29
CA THR A 520 11.52 23.63 -2.11
C THR A 520 11.22 22.23 -1.59
N VAL A 521 9.95 21.97 -1.30
CA VAL A 521 9.54 20.66 -0.87
C VAL A 521 8.79 19.98 -2.03
N LEU A 522 9.39 18.91 -2.56
CA LEU A 522 8.84 18.16 -3.69
C LEU A 522 7.99 16.97 -3.21
N ILE A 523 6.70 17.03 -3.50
CA ILE A 523 5.75 15.95 -3.15
C ILE A 523 5.54 15.12 -4.40
N SER A 524 5.94 13.85 -4.35
CA SER A 524 5.80 12.96 -5.53
C SER A 524 5.77 11.49 -5.12
N GLY A 525 5.27 10.64 -6.01
CA GLY A 525 5.30 9.20 -5.75
C GLY A 525 6.56 8.50 -6.25
N ARG A 526 7.52 9.29 -6.76
CA ARG A 526 8.62 8.79 -7.57
C ARG A 526 9.56 9.93 -8.00
N PRO A 527 10.78 9.59 -8.45
CA PRO A 527 11.60 10.60 -9.12
C PRO A 527 10.82 11.20 -10.28
N VAL A 528 10.98 12.51 -10.46
CA VAL A 528 10.38 13.27 -11.56
C VAL A 528 11.48 14.19 -12.09
N VAL A 529 11.30 14.70 -13.30
CA VAL A 529 12.27 15.66 -13.89
C VAL A 529 12.43 16.82 -12.89
N VAL A 530 13.66 16.99 -12.40
CA VAL A 530 13.93 17.86 -11.25
C VAL A 530 15.03 18.92 -11.48
N GLN A 531 15.79 18.81 -12.57
CA GLN A 531 16.87 19.79 -12.81
C GLN A 531 16.41 21.25 -12.73
N PRO A 532 15.30 21.61 -13.42
CA PRO A 532 14.82 23.00 -13.37
C PRO A 532 14.43 23.43 -11.94
N LEU A 533 13.82 22.53 -11.18
CA LEU A 533 13.48 22.79 -9.79
C LEU A 533 14.74 22.98 -8.95
N LEU A 534 15.69 22.07 -9.11
CA LEU A 534 17.02 22.19 -8.50
C LEU A 534 17.70 23.53 -8.79
N ALA A 535 17.76 23.92 -10.07
CA ALA A 535 18.43 25.14 -10.50
C ALA A 535 17.88 26.40 -9.83
N ALA A 536 16.57 26.44 -9.64
CA ALA A 536 15.91 27.59 -9.01
C ALA A 536 16.11 27.66 -7.49
N SER A 537 16.26 26.49 -6.85
CA SER A 537 16.17 26.37 -5.39
C SER A 537 17.49 26.49 -4.61
N ASP A 538 17.45 27.14 -3.45
CA ASP A 538 18.56 27.08 -2.50
C ASP A 538 18.67 25.68 -1.89
N ALA A 539 17.55 25.16 -1.42
CA ALA A 539 17.47 23.81 -0.91
C ALA A 539 16.28 23.08 -1.53
N LEU A 540 16.39 21.77 -1.66
CA LEU A 540 15.28 20.99 -2.21
C LEU A 540 15.23 19.66 -1.51
N VAL A 541 14.01 19.29 -1.10
CA VAL A 541 13.74 18.08 -0.36
C VAL A 541 12.76 17.22 -1.16
N ALA A 542 13.14 15.96 -1.38
CA ALA A 542 12.18 14.95 -1.89
C ALA A 542 11.41 14.41 -0.71
N ALA A 543 10.14 14.82 -0.58
CA ALA A 543 9.29 14.41 0.56
C ALA A 543 8.38 13.22 0.26
N TRP A 544 8.40 12.75 -1.00
CA TRP A 544 7.55 11.63 -1.47
C TRP A 544 6.07 11.92 -1.20
N LEU A 545 5.35 10.95 -0.63
CA LEU A 545 3.93 11.16 -0.29
C LEU A 545 3.78 10.92 1.21
N PRO A 546 4.10 11.95 2.02
CA PRO A 546 4.38 11.77 3.46
C PRO A 546 3.18 11.49 4.35
N GLY A 547 1.97 11.66 3.84
CA GLY A 547 0.78 11.25 4.58
C GLY A 547 0.09 12.37 5.34
N SER A 548 -0.64 12.01 6.38
CA SER A 548 -1.48 12.99 7.08
C SER A 548 -0.68 13.91 8.02
N GLU A 549 0.52 13.50 8.41
CA GLU A 549 1.28 14.21 9.44
C GLU A 549 2.40 15.12 8.86
N GLY A 550 1.98 16.27 8.37
CA GLY A 550 2.87 17.23 7.69
C GLY A 550 3.93 17.81 8.61
N GLN A 551 3.72 17.70 9.92
CA GLN A 551 4.75 18.12 10.87
C GLN A 551 6.07 17.34 10.78
N GLY A 552 6.02 16.14 10.22
CA GLY A 552 7.24 15.39 9.86
C GLY A 552 8.14 16.21 8.94
N VAL A 553 7.52 16.96 8.03
CA VAL A 553 8.26 17.82 7.09
C VAL A 553 8.97 18.96 7.82
N THR A 554 8.24 19.67 8.68
CA THR A 554 8.78 20.80 9.40
C THR A 554 9.76 20.41 10.50
N ASP A 555 9.60 19.20 11.06
CA ASP A 555 10.55 18.65 12.05
C ASP A 555 11.96 18.69 11.50
N ALA A 556 12.11 18.43 10.21
CA ALA A 556 13.43 18.43 9.57
C ALA A 556 13.82 19.83 9.06
N LEU A 557 12.86 20.53 8.44
CA LEU A 557 13.12 21.87 7.92
C LEU A 557 13.64 22.84 8.98
N PHE A 558 13.07 22.76 10.19
CA PHE A 558 13.43 23.67 11.28
C PHE A 558 14.48 23.10 12.24
N GLY A 559 15.02 21.93 11.90
CA GLY A 559 16.18 21.39 12.60
C GLY A 559 15.91 20.69 13.92
N ASP A 560 14.67 20.32 14.18
CA ASP A 560 14.36 19.52 15.37
C ASP A 560 15.00 18.15 15.25
N PHE A 561 15.10 17.67 14.00
CA PHE A 561 15.84 16.45 13.67
C PHE A 561 16.62 16.72 12.42
N GLY A 562 17.76 16.05 12.28
CA GLY A 562 18.54 16.13 11.05
C GLY A 562 17.92 15.28 9.96
N PHE A 563 18.19 15.64 8.70
CA PHE A 563 17.80 14.83 7.55
C PHE A 563 18.63 13.56 7.53
N THR A 564 17.98 12.40 7.34
CA THR A 564 18.68 11.12 7.33
C THR A 564 18.28 10.20 6.16
N GLY A 565 17.15 10.49 5.50
CA GLY A 565 16.66 9.67 4.38
C GLY A 565 17.64 9.59 3.22
N ARG A 566 17.68 8.43 2.58
CA ARG A 566 18.53 8.23 1.40
C ARG A 566 17.71 7.66 0.24
N LEU A 567 17.98 8.10 -0.99
CA LEU A 567 17.15 7.66 -2.12
C LEU A 567 17.03 6.13 -2.17
N PRO A 568 15.79 5.60 -2.19
CA PRO A 568 15.54 4.16 -2.40
C PRO A 568 15.41 3.81 -3.89
N ARG A 569 15.56 4.83 -4.73
CA ARG A 569 15.41 4.70 -6.19
C ARG A 569 16.50 5.53 -6.82
N THR A 570 16.89 5.15 -8.04
CA THR A 570 17.73 5.98 -8.90
C THR A 570 16.96 7.24 -9.31
N TRP A 571 17.62 8.39 -9.23
CA TRP A 571 17.04 9.60 -9.83
C TRP A 571 17.68 9.82 -11.20
N PHE A 572 16.86 9.64 -12.24
CA PHE A 572 17.30 9.73 -13.63
C PHE A 572 17.59 11.18 -14.04
N LYS A 573 18.46 11.35 -15.03
CA LYS A 573 18.64 12.66 -15.66
C LYS A 573 17.50 12.97 -16.63
N SER A 574 17.01 11.95 -17.34
CA SER A 574 15.88 12.14 -18.25
C SER A 574 15.12 10.82 -18.47
N VAL A 575 13.87 10.92 -18.89
CA VAL A 575 13.04 9.74 -19.07
C VAL A 575 13.53 8.83 -20.19
N ASP A 576 14.26 9.40 -21.15
CA ASP A 576 14.76 8.54 -22.24
C ASP A 576 15.93 7.64 -21.83
N GLN A 577 16.41 7.79 -20.60
CA GLN A 577 17.34 6.82 -19.98
C GLN A 577 16.65 5.55 -19.48
N LEU A 578 15.33 5.62 -19.27
CA LEU A 578 14.59 4.56 -18.58
C LEU A 578 14.31 3.34 -19.47
N PRO A 579 14.34 2.12 -18.88
CA PRO A 579 14.65 1.86 -17.46
C PRO A 579 16.13 2.00 -17.13
N MET A 580 16.44 2.51 -15.94
CA MET A 580 17.83 2.65 -15.49
C MET A 580 17.91 2.45 -13.97
N ASN A 581 18.48 1.31 -13.56
CA ASN A 581 18.53 0.94 -12.12
C ASN A 581 19.98 0.73 -11.67
N VAL A 582 20.25 0.88 -10.36
CA VAL A 582 21.62 0.60 -9.84
C VAL A 582 22.08 -0.76 -10.26
N GLY A 583 23.33 -0.84 -10.69
CA GLY A 583 23.90 -2.09 -11.14
C GLY A 583 23.90 -2.23 -12.65
N ASP A 584 23.10 -1.40 -13.33
CA ASP A 584 23.07 -1.40 -14.79
C ASP A 584 24.43 -1.06 -15.38
N ALA A 585 24.72 -1.64 -16.55
CA ALA A 585 25.97 -1.36 -17.26
C ALA A 585 26.06 0.11 -17.66
N HIS A 586 24.94 0.67 -18.12
CA HIS A 586 24.92 2.10 -18.46
C HIS A 586 24.14 2.85 -17.41
N TYR A 587 24.85 3.20 -16.34
CA TYR A 587 24.24 3.82 -15.19
C TYR A 587 24.74 5.25 -15.10
N ASP A 588 23.85 6.20 -15.38
CA ASP A 588 24.21 7.61 -15.46
C ASP A 588 23.13 8.44 -14.74
N PRO A 589 23.06 8.30 -13.40
CA PRO A 589 21.98 8.95 -12.68
C PRO A 589 22.27 10.41 -12.39
N LEU A 590 21.21 11.19 -12.18
CA LEU A 590 21.37 12.53 -11.63
C LEU A 590 21.79 12.38 -10.17
N PHE A 591 21.09 11.51 -9.44
CA PHE A 591 21.48 11.08 -8.09
C PHE A 591 21.38 9.55 -8.03
N ARG A 592 22.47 8.87 -7.64
CA ARG A 592 22.45 7.41 -7.49
C ARG A 592 21.52 6.96 -6.37
N LEU A 593 21.07 5.71 -6.43
CA LEU A 593 20.38 5.10 -5.30
C LEU A 593 21.28 5.23 -4.06
N GLY A 594 20.67 5.59 -2.94
CA GLY A 594 21.41 5.77 -1.69
C GLY A 594 21.88 7.20 -1.42
N TYR A 595 21.77 8.08 -2.41
CA TYR A 595 22.15 9.49 -2.23
C TYR A 595 21.26 10.20 -1.20
N GLY A 596 21.85 11.04 -0.38
CA GLY A 596 21.09 11.93 0.48
C GLY A 596 22.04 12.81 1.28
N LEU A 597 21.77 14.11 1.26
CA LEU A 597 22.50 15.04 2.11
C LEU A 597 21.97 14.95 3.53
N THR A 598 22.78 15.34 4.50
CA THR A 598 22.29 15.33 5.88
C THR A 598 22.38 16.71 6.52
N THR A 599 21.62 16.90 7.58
CA THR A 599 21.80 18.04 8.47
C THR A 599 21.92 17.50 9.88
N ASN A 600 22.33 18.36 10.81
CA ASN A 600 22.29 18.05 12.23
C ASN A 600 21.20 18.87 12.94
N ALA A 601 20.56 18.25 13.93
CA ALA A 601 19.56 18.94 14.75
C ALA A 601 20.16 20.21 15.39
N THR A 602 19.43 21.33 15.33
CA THR A 602 19.89 22.58 15.94
C THR A 602 19.44 22.72 17.38
C1 NAG B . 0.71 -4.15 -22.76
C2 NAG B . -0.27 -5.26 -23.14
C3 NAG B . -0.67 -5.16 -24.62
C4 NAG B . -1.10 -3.74 -25.00
C5 NAG B . -0.02 -2.75 -24.55
C6 NAG B . -0.34 -1.29 -24.83
C7 NAG B . -0.02 -7.34 -21.83
C8 NAG B . 0.67 -8.67 -21.76
N2 NAG B . 0.32 -6.57 -22.88
O3 NAG B . -1.69 -6.08 -24.92
O4 NAG B . -1.28 -3.69 -26.40
O5 NAG B . 0.19 -2.89 -23.16
O6 NAG B . -1.61 -0.97 -24.30
O7 NAG B . -0.84 -7.01 -20.97
C1 NAG B . -2.60 -3.23 -26.77
C2 NAG B . -2.58 -2.75 -28.23
C3 NAG B . -3.96 -2.29 -28.66
C4 NAG B . -5.07 -3.29 -28.31
C5 NAG B . -4.91 -3.86 -26.89
C6 NAG B . -5.81 -5.07 -26.68
C7 NAG B . -0.35 -1.75 -28.69
C8 NAG B . 0.42 -0.46 -28.62
N2 NAG B . -1.66 -1.64 -28.44
O3 NAG B . -3.96 -2.03 -30.04
O4 NAG B . -6.31 -2.64 -28.43
O5 NAG B . -3.58 -4.24 -26.61
O6 NAG B . -6.60 -4.88 -25.52
O7 NAG B . 0.23 -2.80 -28.97
C1 BMA B . -7.10 -3.20 -29.50
C2 BMA B . -8.57 -2.87 -29.24
C3 BMA B . -9.46 -3.33 -30.39
C4 BMA B . -8.89 -2.92 -31.76
C5 BMA B . -7.39 -3.21 -31.91
C6 BMA B . -6.80 -2.52 -33.13
O2 BMA B . -8.72 -1.48 -29.01
O3 BMA B . -10.77 -2.82 -30.22
O4 BMA B . -9.60 -3.59 -32.79
O5 BMA B . -6.67 -2.75 -30.77
O6 BMA B . -7.18 -3.14 -34.33
C1 NAG C . 25.15 14.89 12.32
C2 NAG C . 25.33 13.97 13.54
C3 NAG C . 25.98 12.63 13.16
C4 NAG C . 25.38 12.01 11.90
C5 NAG C . 25.03 13.02 10.79
C6 NAG C . 24.00 12.44 9.82
C7 NAG C . 25.63 15.12 15.69
C8 NAG C . 26.43 16.20 16.36
N2 NAG C . 26.15 14.64 14.55
O3 NAG C . 25.82 11.68 14.21
O4 NAG C . 26.31 11.04 11.41
O5 NAG C . 24.42 14.19 11.33
O6 NAG C . 24.62 11.65 8.84
O7 NAG C . 24.57 14.73 16.18
C1 NAG C . 25.67 9.76 11.18
C2 NAG C . 26.59 8.78 10.47
C3 NAG C . 25.87 7.47 10.15
C4 NAG C . 24.80 7.03 11.16
C5 NAG C . 24.19 8.16 12.00
C6 NAG C . 23.53 7.65 13.28
C7 NAG C . 28.37 9.84 9.15
C8 NAG C . 29.15 9.35 7.96
N2 NAG C . 27.13 9.37 9.26
O3 NAG C . 26.82 6.43 10.01
O4 NAG C . 23.72 6.40 10.47
O5 NAG C . 25.15 9.14 12.34
O6 NAG C . 22.66 8.65 13.79
O7 NAG C . 28.87 10.65 9.94
C1 BMA C . 23.74 4.95 10.38
C2 BMA C . 24.54 4.21 11.47
C3 BMA C . 24.53 2.71 11.17
C4 BMA C . 23.10 2.19 11.01
C5 BMA C . 22.32 3.04 10.00
C6 BMA C . 20.84 2.65 9.95
O2 BMA C . 23.96 4.43 12.74
O3 BMA C . 25.20 2.00 12.18
O4 BMA C . 23.13 0.83 10.64
O5 BMA C . 22.42 4.42 10.30
O6 BMA C . 20.07 3.47 10.80
C1 FUC C . 27.01 11.48 15.04
C2 FUC C . 26.68 10.50 16.16
C3 FUC C . 26.62 9.06 15.66
C4 FUC C . 27.87 8.67 14.86
C5 FUC C . 28.21 9.76 13.81
C6 FUC C . 29.51 9.52 13.06
O2 FUC C . 25.44 10.85 16.74
O3 FUC C . 26.45 8.18 16.75
O4 FUC C . 28.96 8.46 15.72
O5 FUC C . 28.21 11.07 14.37
C1 NAG D . 2.92 13.60 -19.09
C2 NAG D . 2.07 14.87 -19.27
C3 NAG D . 1.07 15.08 -18.15
C4 NAG D . 0.16 13.86 -18.05
C5 NAG D . 1.03 12.61 -17.85
C6 NAG D . 0.18 11.34 -17.81
C7 NAG D . 2.85 16.76 -20.57
C8 NAG D . 3.01 18.26 -20.46
N2 NAG D . 2.89 16.06 -19.44
O3 NAG D . 0.29 16.22 -18.37
O4 NAG D . -0.72 14.02 -16.96
O5 NAG D . 2.04 12.49 -18.86
O6 NAG D . -0.21 10.95 -19.10
O7 NAG D . 2.68 16.23 -21.68
C1 BOG E . -6.70 -3.77 -7.36
O1 BOG E . -7.19 -2.72 -8.20
C2 BOG E . -5.24 -3.55 -6.89
O2 BOG E . -4.36 -4.02 -7.90
C3 BOG E . -4.89 -4.33 -5.62
O3 BOG E . -3.60 -3.96 -5.06
C4 BOG E . -5.99 -4.15 -4.58
O4 BOG E . -5.63 -4.84 -3.39
C5 BOG E . -7.31 -4.68 -5.13
O5 BOG E . -7.68 -3.94 -6.30
C6 BOG E . -8.48 -4.57 -4.15
O6 BOG E . -8.88 -3.20 -4.01
C1' BOG E . -8.61 -2.58 -8.17
C2' BOG E . -9.10 -1.71 -9.33
C3' BOG E . -9.00 -2.45 -10.66
C4' BOG E . -9.19 -1.49 -11.83
C5' BOG E . -7.89 -1.24 -12.59
C6' BOG E . -8.19 -0.88 -14.04
C7' BOG E . -6.94 -0.91 -14.91
C8' BOG E . -7.02 0.12 -16.02
#